data_9FVK
#
_entry.id   9FVK
#
_cell.length_a   111.817
_cell.length_b   208.381
_cell.length_c   72.030
_cell.angle_alpha   90.000
_cell.angle_beta   90.000
_cell.angle_gamma   90.000
#
_symmetry.space_group_name_H-M   'C 2 2 21'
#
loop_
_entity.id
_entity.type
_entity.pdbx_description
1 polymer AL55
2 non-polymer DI(HYDROXYETHYL)ETHER
3 non-polymer 'PHOSPHATE ION'
4 non-polymer 'TRIETHYLENE GLYCOL'
5 non-polymer 1,2-ETHANEDIOL
6 non-polymer 'SODIUM ION'
7 water water
#
_entity_poly.entity_id   1
_entity_poly.type   'polypeptide(L)'
_entity_poly.pdbx_seq_one_letter_code
;NFMLTQPHSVSESPGKTLTISCTGSSASIASHYVQWYQQRPGGAPTTLIYENDQRPSEVPDRFSGSIDSSSNSASLTISG
LKTEDEADYYCQSYDGNNHWVFGGGTKLTVLSQPKAAPSVTLFPPSSEELQANKATLVCLISDFYPGAVTVAWKADSSPV
KAGVETTTPSKQSNNKYAASSYLSLTPEQWKSHKSYSCQVTHEGSTVEKTVAPTECS
;
_entity_poly.pdbx_strand_id   A,B,C
#
# COMPACT_ATOMS: atom_id res chain seq x y z
N ASN A 1 -8.03 17.56 -0.49
CA ASN A 1 -9.41 17.74 -0.06
C ASN A 1 -9.76 16.80 1.08
N PHE A 2 -10.96 16.23 1.02
CA PHE A 2 -11.48 15.40 2.11
C PHE A 2 -10.78 14.04 2.13
N MET A 3 -10.43 13.59 3.33
CA MET A 3 -9.73 12.32 3.49
C MET A 3 -10.10 11.71 4.84
N LEU A 4 -10.07 10.38 4.89
CA LEU A 4 -10.50 9.61 6.06
C LEU A 4 -9.30 8.91 6.68
N THR A 5 -9.11 9.08 7.98
CA THR A 5 -8.02 8.46 8.72
C THR A 5 -8.57 7.46 9.71
N GLN A 6 -8.04 6.23 9.68
CA GLN A 6 -8.36 5.19 10.64
C GLN A 6 -7.11 4.79 11.41
N PRO A 7 -7.27 4.26 12.63
CA PRO A 7 -6.11 3.66 13.30
C PRO A 7 -5.66 2.41 12.55
N HIS A 8 -4.37 2.10 12.69
CA HIS A 8 -3.83 0.94 12.00
C HIS A 8 -4.35 -0.36 12.60
N SER A 9 -4.51 -0.42 13.93
CA SER A 9 -4.89 -1.65 14.59
C SER A 9 -5.75 -1.35 15.80
N VAL A 10 -6.62 -2.30 16.13
CA VAL A 10 -7.39 -2.30 17.37
C VAL A 10 -7.43 -3.72 17.90
N SER A 11 -7.50 -3.85 19.23
CA SER A 11 -7.44 -5.16 19.86
C SER A 11 -8.41 -5.24 21.03
N GLU A 12 -8.88 -6.45 21.31
CA GLU A 12 -9.73 -6.74 22.46
C GLU A 12 -9.94 -8.24 22.63
N SER A 13 -10.21 -8.70 23.86
CA SER A 13 -10.41 -10.11 24.11
C SER A 13 -11.81 -10.53 23.67
N PRO A 14 -12.04 -11.84 23.47
CA PRO A 14 -13.38 -12.28 23.05
C PRO A 14 -14.45 -11.90 24.07
N GLY A 15 -15.67 -11.68 23.56
CA GLY A 15 -16.79 -11.33 24.39
C GLY A 15 -16.88 -9.88 24.81
N LYS A 16 -15.85 -9.08 24.53
CA LYS A 16 -15.82 -7.68 24.94
C LYS A 16 -16.18 -6.78 23.77
N THR A 17 -15.95 -5.48 23.93
CA THR A 17 -16.38 -4.47 22.97
C THR A 17 -15.23 -3.54 22.64
N LEU A 18 -15.03 -3.26 21.35
CA LEU A 18 -14.05 -2.27 20.90
C LEU A 18 -14.73 -1.31 19.92
N THR A 19 -13.97 -0.32 19.47
CA THR A 19 -14.49 0.72 18.60
C THR A 19 -13.42 1.16 17.62
N ILE A 20 -13.79 1.31 16.36
CA ILE A 20 -12.90 1.80 15.31
C ILE A 20 -13.34 3.19 14.92
N SER A 21 -12.39 4.12 14.83
CA SER A 21 -12.68 5.51 14.51
C SER A 21 -12.34 5.82 13.05
N CYS A 22 -12.97 6.87 12.53
CA CYS A 22 -12.77 7.30 11.15
C CYS A 22 -12.85 8.83 11.15
N THR A 23 -11.70 9.47 11.23
CA THR A 23 -11.61 10.93 11.35
C THR A 23 -11.38 11.55 9.98
N GLY A 24 -12.21 12.54 9.65
CA GLY A 24 -12.10 13.23 8.38
C GLY A 24 -11.24 14.49 8.47
N SER A 25 -10.65 14.86 7.34
CA SER A 25 -9.83 16.05 7.23
C SER A 25 -10.36 16.93 6.12
N SER A 26 -10.19 18.25 6.30
CA SER A 26 -10.53 19.30 5.33
C SER A 26 -12.02 19.50 5.13
N ALA A 27 -12.88 18.69 5.74
CA ALA A 27 -14.32 18.85 5.59
C ALA A 27 -15.03 18.13 6.72
N SER A 28 -16.31 18.47 6.89
CA SER A 28 -17.10 17.88 7.96
C SER A 28 -17.44 16.44 7.65
N ILE A 29 -17.28 15.56 8.64
CA ILE A 29 -17.61 14.14 8.46
C ILE A 29 -19.11 13.96 8.26
N ALA A 30 -19.91 14.88 8.78
CA ALA A 30 -21.37 14.78 8.67
C ALA A 30 -21.89 15.26 7.32
N SER A 31 -21.02 15.75 6.43
CA SER A 31 -21.48 16.28 5.16
C SER A 31 -22.00 15.19 4.23
N HIS A 32 -21.50 13.96 4.37
CA HIS A 32 -21.91 12.86 3.52
C HIS A 32 -22.07 11.59 4.36
N TYR A 33 -22.76 10.61 3.77
CA TYR A 33 -23.00 9.36 4.46
C TYR A 33 -21.70 8.57 4.61
N VAL A 34 -21.60 7.81 5.70
CA VAL A 34 -20.41 7.02 6.02
C VAL A 34 -20.80 5.55 6.01
N GLN A 35 -19.97 4.73 5.38
CA GLN A 35 -20.19 3.30 5.27
C GLN A 35 -19.06 2.55 5.97
N TRP A 36 -19.33 1.29 6.31
CA TRP A 36 -18.37 0.43 7.00
C TRP A 36 -18.38 -0.94 6.37
N TYR A 37 -17.21 -1.41 5.96
CA TYR A 37 -17.07 -2.70 5.28
C TYR A 37 -16.08 -3.59 6.04
N GLN A 38 -16.36 -4.88 6.06
CA GLN A 38 -15.47 -5.88 6.61
C GLN A 38 -14.85 -6.69 5.48
N GLN A 39 -13.54 -6.89 5.54
CA GLN A 39 -12.81 -7.61 4.50
C GLN A 39 -12.09 -8.79 5.14
N ARG A 40 -12.70 -9.96 5.05
CA ARG A 40 -12.03 -11.19 5.39
C ARG A 40 -10.93 -11.45 4.37
N PRO A 41 -9.92 -12.25 4.73
CA PRO A 41 -8.81 -12.47 3.77
C PRO A 41 -9.19 -13.34 2.59
N GLY A 42 -9.31 -12.71 1.42
CA GLY A 42 -9.87 -13.38 0.27
C GLY A 42 -11.38 -13.46 0.37
N GLY A 43 -12.07 -13.02 -0.68
CA GLY A 43 -13.52 -12.98 -0.68
C GLY A 43 -14.04 -11.55 -0.74
N ALA A 44 -15.33 -11.45 -1.01
CA ALA A 44 -15.96 -10.15 -1.19
C ALA A 44 -16.12 -9.44 0.15
N PRO A 45 -15.94 -8.13 0.20
CA PRO A 45 -16.24 -7.38 1.43
C PRO A 45 -17.74 -7.38 1.70
N THR A 46 -18.08 -7.36 2.98
CA THR A 46 -19.47 -7.38 3.43
C THR A 46 -19.84 -6.04 4.04
N THR A 47 -21.00 -5.52 3.66
CA THR A 47 -21.47 -4.23 4.17
C THR A 47 -22.05 -4.42 5.57
N LEU A 48 -21.44 -3.76 6.55
CA LEU A 48 -21.90 -3.82 7.93
C LEU A 48 -22.80 -2.66 8.32
N ILE A 49 -22.44 -1.44 7.90
CA ILE A 49 -23.18 -0.23 8.26
C ILE A 49 -23.21 0.69 7.05
N TYR A 50 -24.40 1.18 6.71
CA TYR A 50 -24.55 2.15 5.63
C TYR A 50 -25.35 3.33 6.15
N GLU A 51 -25.09 4.50 5.54
CA GLU A 51 -25.72 5.77 5.90
C GLU A 51 -25.60 6.02 7.40
N ASN A 52 -24.34 6.00 7.86
CA ASN A 52 -23.95 6.37 9.22
C ASN A 52 -24.32 5.30 10.25
N ASP A 53 -25.59 4.90 10.32
CA ASP A 53 -25.99 3.95 11.35
C ASP A 53 -26.99 2.89 10.92
N GLN A 54 -27.38 2.84 9.64
CA GLN A 54 -28.31 1.82 9.19
C GLN A 54 -27.58 0.50 8.97
N ARG A 55 -28.20 -0.59 9.42
CA ARG A 55 -27.57 -1.90 9.41
C ARG A 55 -28.37 -2.87 8.54
N PRO A 56 -27.72 -3.56 7.61
CA PRO A 56 -28.42 -4.61 6.85
C PRO A 56 -28.94 -5.71 7.76
N SER A 57 -29.98 -6.40 7.27
CA SER A 57 -30.70 -7.36 8.11
C SER A 57 -29.85 -8.57 8.47
N GLU A 58 -28.94 -8.97 7.58
CA GLU A 58 -28.10 -10.14 7.82
C GLU A 58 -26.91 -9.84 8.73
N VAL A 59 -26.69 -8.58 9.07
CA VAL A 59 -25.61 -8.18 9.97
C VAL A 59 -26.16 -8.18 11.39
N PRO A 60 -25.52 -8.86 12.34
CA PRO A 60 -26.07 -8.92 13.70
C PRO A 60 -26.01 -7.57 14.39
N ASP A 61 -26.77 -7.46 15.49
CA ASP A 61 -26.86 -6.22 16.24
C ASP A 61 -25.57 -5.86 16.97
N ARG A 62 -24.56 -6.74 16.94
CA ARG A 62 -23.30 -6.42 17.59
C ARG A 62 -22.61 -5.24 16.92
N PHE A 63 -22.83 -5.06 15.62
CA PHE A 63 -22.21 -3.98 14.87
C PHE A 63 -23.14 -2.76 14.85
N SER A 64 -22.61 -1.62 15.27
CA SER A 64 -23.38 -0.38 15.28
C SER A 64 -22.51 0.76 14.78
N GLY A 65 -23.15 1.76 14.20
CA GLY A 65 -22.44 2.92 13.70
C GLY A 65 -22.90 4.20 14.38
N SER A 66 -22.03 5.21 14.42
CA SER A 66 -22.36 6.49 15.05
C SER A 66 -21.48 7.56 14.44
N ILE A 67 -21.87 8.82 14.68
CA ILE A 67 -21.18 9.98 14.13
C ILE A 67 -21.00 10.99 15.25
N ASP A 68 -19.77 11.42 15.50
CA ASP A 68 -19.45 12.41 16.53
C ASP A 68 -18.93 13.66 15.83
N SER A 69 -19.78 14.69 15.74
CA SER A 69 -19.40 15.93 15.08
C SER A 69 -18.37 16.73 15.87
N SER A 70 -18.27 16.49 17.18
CA SER A 70 -17.29 17.21 18.00
C SER A 70 -15.87 16.88 17.56
N SER A 71 -15.60 15.62 17.26
CA SER A 71 -14.28 15.17 16.85
C SER A 71 -14.18 14.92 15.35
N ASN A 72 -15.24 15.23 14.59
CA ASN A 72 -15.27 15.02 13.14
C ASN A 72 -14.93 13.58 12.79
N SER A 73 -15.61 12.65 13.46
CA SER A 73 -15.28 11.24 13.37
C SER A 73 -16.54 10.40 13.22
N ALA A 74 -16.38 9.28 12.52
CA ALA A 74 -17.35 8.19 12.52
C ALA A 74 -16.81 7.04 13.35
N SER A 75 -17.71 6.21 13.88
CA SER A 75 -17.32 5.17 14.81
C SER A 75 -18.07 3.89 14.53
N LEU A 76 -17.34 2.78 14.45
CA LEU A 76 -17.91 1.45 14.32
C LEU A 76 -17.65 0.70 15.62
N THR A 77 -18.70 0.44 16.37
CA THR A 77 -18.61 -0.25 17.65
C THR A 77 -19.04 -1.70 17.49
N ILE A 78 -18.21 -2.62 17.96
CA ILE A 78 -18.43 -4.05 17.82
C ILE A 78 -18.44 -4.67 19.22
N SER A 79 -19.58 -5.23 19.60
CA SER A 79 -19.76 -5.88 20.88
C SER A 79 -19.79 -7.40 20.71
N GLY A 80 -19.68 -8.11 21.83
CA GLY A 80 -19.67 -9.56 21.83
C GLY A 80 -18.63 -10.13 20.87
N LEU A 81 -17.38 -9.68 21.02
CA LEU A 81 -16.34 -10.01 20.06
C LEU A 81 -16.14 -11.51 19.94
N LYS A 82 -16.13 -12.00 18.71
CA LYS A 82 -15.79 -13.37 18.40
C LYS A 82 -14.51 -13.39 17.57
N THR A 83 -13.82 -14.52 17.59
CA THR A 83 -12.58 -14.64 16.83
C THR A 83 -12.82 -14.48 15.34
N GLU A 84 -14.03 -14.81 14.87
CA GLU A 84 -14.36 -14.65 13.46
C GLU A 84 -14.42 -13.19 13.04
N ASP A 85 -14.53 -12.26 14.00
CA ASP A 85 -14.51 -10.84 13.67
C ASP A 85 -13.13 -10.35 13.27
N GLU A 86 -12.09 -11.17 13.47
CA GLU A 86 -10.74 -10.80 13.05
C GLU A 86 -10.67 -10.59 11.55
N ALA A 87 -10.55 -9.34 11.14
CA ALA A 87 -10.52 -8.98 9.72
C ALA A 87 -10.04 -7.53 9.61
N ASP A 88 -10.06 -7.01 8.40
CA ASP A 88 -9.75 -5.62 8.13
C ASP A 88 -11.05 -4.85 7.90
N TYR A 89 -11.14 -3.66 8.48
CA TYR A 89 -12.36 -2.85 8.45
C TYR A 89 -12.07 -1.50 7.81
N TYR A 90 -12.97 -1.08 6.93
CA TYR A 90 -12.82 0.15 6.16
C TYR A 90 -14.03 1.04 6.33
N CYS A 91 -13.78 2.34 6.44
CA CYS A 91 -14.82 3.36 6.39
C CYS A 91 -14.74 4.09 5.07
N GLN A 92 -15.91 4.54 4.59
CA GLN A 92 -15.99 5.14 3.26
C GLN A 92 -17.04 6.24 3.26
N SER A 93 -16.73 7.33 2.55
CA SER A 93 -17.66 8.44 2.40
C SER A 93 -17.52 9.06 1.01
N TYR A 94 -17.77 10.36 0.91
CA TYR A 94 -17.66 11.08 -0.35
C TYR A 94 -17.00 12.42 -0.11
N ASP A 95 -16.27 12.90 -1.12
CA ASP A 95 -15.58 14.17 -1.02
C ASP A 95 -16.52 15.29 -1.46
N GLY A 96 -15.97 16.45 -1.85
CA GLY A 96 -16.81 17.56 -2.24
C GLY A 96 -17.61 17.30 -3.50
N ASN A 97 -17.09 16.44 -4.39
CA ASN A 97 -17.75 16.13 -5.65
C ASN A 97 -18.42 14.77 -5.64
N ASN A 98 -18.83 14.30 -4.46
CA ASN A 98 -19.53 13.02 -4.30
C ASN A 98 -18.76 11.86 -4.92
N HIS A 99 -17.44 11.96 -4.93
CA HIS A 99 -16.58 10.86 -5.35
C HIS A 99 -16.15 10.06 -4.13
N TRP A 100 -15.96 8.75 -4.32
CA TRP A 100 -15.63 7.87 -3.21
C TRP A 100 -14.34 8.30 -2.52
N VAL A 101 -14.31 8.15 -1.21
CA VAL A 101 -13.11 8.36 -0.39
C VAL A 101 -13.10 7.28 0.68
N PHE A 102 -11.98 6.58 0.81
CA PHE A 102 -11.85 5.47 1.74
C PHE A 102 -10.81 5.79 2.80
N GLY A 103 -10.88 5.05 3.90
CA GLY A 103 -9.84 5.07 4.91
C GLY A 103 -8.77 4.02 4.64
N GLY A 104 -7.67 4.13 5.37
CA GLY A 104 -6.58 3.18 5.21
C GLY A 104 -6.90 1.78 5.68
N GLY A 105 -7.93 1.61 6.48
CA GLY A 105 -8.27 0.31 7.02
C GLY A 105 -7.67 0.08 8.39
N THR A 106 -8.35 -0.75 9.17
CA THR A 106 -7.94 -1.07 10.53
C THR A 106 -7.92 -2.57 10.72
N LYS A 107 -6.78 -3.10 11.17
CA LYS A 107 -6.66 -4.52 11.46
C LYS A 107 -7.22 -4.81 12.85
N LEU A 108 -8.29 -5.60 12.91
CA LEU A 108 -8.89 -5.99 14.17
C LEU A 108 -8.25 -7.28 14.65
N THR A 109 -7.64 -7.24 15.83
CA THR A 109 -6.99 -8.40 16.43
C THR A 109 -7.81 -8.84 17.64
N VAL A 110 -8.33 -10.06 17.59
CA VAL A 110 -8.99 -10.68 18.73
C VAL A 110 -7.89 -11.33 19.57
N LEU A 111 -7.61 -10.73 20.74
CA LEU A 111 -6.48 -11.13 21.57
C LEU A 111 -6.52 -12.61 21.92
N SER A 112 -5.61 -13.39 21.34
CA SER A 112 -5.48 -14.81 21.61
C SER A 112 -4.35 -15.11 22.59
N GLN A 113 -3.59 -14.10 23.00
CA GLN A 113 -2.40 -14.29 23.81
C GLN A 113 -2.16 -13.00 24.59
N PRO A 114 -1.31 -13.03 25.61
CA PRO A 114 -1.04 -11.81 26.38
C PRO A 114 -0.40 -10.73 25.53
N LYS A 115 -0.81 -9.48 25.76
CA LYS A 115 -0.19 -8.34 25.12
C LYS A 115 1.27 -8.24 25.55
N ALA A 116 2.06 -7.53 24.75
CA ALA A 116 3.48 -7.37 25.03
C ALA A 116 3.99 -6.09 24.40
N ALA A 117 4.63 -5.25 25.23
CA ALA A 117 5.32 -4.08 24.72
C ALA A 117 6.65 -4.51 24.10
N PRO A 118 7.12 -3.76 23.09
CA PRO A 118 8.31 -4.21 22.36
C PRO A 118 9.59 -3.99 23.14
N SER A 119 10.60 -4.79 22.80
CA SER A 119 11.97 -4.52 23.20
C SER A 119 12.60 -3.61 22.16
N VAL A 120 13.28 -2.56 22.61
CA VAL A 120 13.85 -1.56 21.72
C VAL A 120 15.37 -1.55 21.93
N THR A 121 16.10 -2.02 20.92
CA THR A 121 17.56 -2.05 20.95
C THR A 121 18.08 -1.14 19.85
N LEU A 122 18.90 -0.17 20.23
CA LEU A 122 19.43 0.83 19.31
C LEU A 122 20.91 0.58 19.08
N PHE A 123 21.29 0.50 17.80
CA PHE A 123 22.66 0.18 17.41
C PHE A 123 23.34 1.38 16.79
N PRO A 124 24.56 1.71 17.21
CA PRO A 124 25.32 2.76 16.54
C PRO A 124 25.99 2.22 15.29
N PRO A 125 26.52 3.09 14.43
CA PRO A 125 27.21 2.60 13.23
C PRO A 125 28.40 1.72 13.59
N SER A 126 28.53 0.61 12.87
CA SER A 126 29.69 -0.26 13.06
C SER A 126 30.95 0.42 12.57
N SER A 127 32.08 0.04 13.17
CA SER A 127 33.36 0.60 12.74
C SER A 127 33.66 0.25 11.29
N GLU A 128 33.25 -0.95 10.85
CA GLU A 128 33.40 -1.32 9.45
C GLU A 128 32.66 -0.34 8.55
N GLU A 129 31.44 0.02 8.92
CA GLU A 129 30.66 0.96 8.13
C GLU A 129 31.32 2.33 8.08
N LEU A 130 31.84 2.81 9.21
CA LEU A 130 32.44 4.13 9.25
C LEU A 130 33.74 4.18 8.48
N GLN A 131 34.47 3.06 8.42
CA GLN A 131 35.66 2.99 7.57
C GLN A 131 35.30 3.05 6.09
N ALA A 132 34.06 2.72 5.73
CA ALA A 132 33.58 2.80 4.35
C ALA A 132 32.85 4.12 4.08
N ASN A 133 33.06 5.13 4.92
CA ASN A 133 32.43 6.45 4.76
C ASN A 133 30.90 6.35 4.77
N LYS A 134 30.36 5.41 5.51
CA LYS A 134 28.93 5.23 5.65
C LYS A 134 28.57 5.17 7.13
N ALA A 135 27.33 5.56 7.44
CA ALA A 135 26.86 5.56 8.82
C ALA A 135 25.36 5.30 8.82
N THR A 136 24.93 4.29 9.57
CA THR A 136 23.52 3.95 9.69
C THR A 136 23.23 3.50 11.11
N LEU A 137 22.16 4.05 11.69
CA LEU A 137 21.62 3.58 12.95
C LEU A 137 20.48 2.62 12.69
N VAL A 138 20.37 1.59 13.53
CA VAL A 138 19.32 0.59 13.42
C VAL A 138 18.60 0.51 14.75
N CYS A 139 17.28 0.68 14.72
CA CYS A 139 16.43 0.56 15.90
C CYS A 139 15.68 -0.77 15.79
N LEU A 140 16.12 -1.76 16.55
CA LEU A 140 15.51 -3.09 16.52
C LEU A 140 14.31 -3.12 17.46
N ILE A 141 13.17 -3.55 16.93
CA ILE A 141 11.90 -3.59 17.65
C ILE A 141 11.39 -5.01 17.59
N SER A 142 11.31 -5.68 18.74
CA SER A 142 11.04 -7.11 18.76
C SER A 142 10.06 -7.46 19.87
N ASP A 143 9.38 -8.59 19.68
CA ASP A 143 8.63 -9.27 20.74
C ASP A 143 7.46 -8.42 21.25
N PHE A 144 6.69 -7.83 20.35
CA PHE A 144 5.53 -7.04 20.73
C PHE A 144 4.27 -7.63 20.12
N TYR A 145 3.14 -7.37 20.79
CA TYR A 145 1.84 -7.87 20.39
C TYR A 145 0.77 -6.95 20.98
N PRO A 146 -0.18 -6.47 20.17
CA PRO A 146 -0.37 -6.70 18.73
C PRO A 146 0.71 -6.03 17.87
N GLY A 147 0.63 -6.16 16.55
CA GLY A 147 1.69 -5.69 15.69
C GLY A 147 1.47 -4.33 15.06
N ALA A 148 1.37 -3.29 15.88
CA ALA A 148 1.24 -1.92 15.41
C ALA A 148 2.12 -1.02 16.26
N VAL A 149 3.13 -0.41 15.64
CA VAL A 149 4.00 0.54 16.30
C VAL A 149 4.21 1.74 15.40
N THR A 150 4.57 2.87 16.00
CA THR A 150 5.01 4.06 15.29
C THR A 150 6.37 4.47 15.83
N VAL A 151 7.28 4.80 14.92
CA VAL A 151 8.66 5.11 15.28
C VAL A 151 8.93 6.58 14.98
N ALA A 152 9.65 7.23 15.90
CA ALA A 152 10.07 8.61 15.72
C ALA A 152 11.53 8.72 16.14
N TRP A 153 12.32 9.41 15.32
CA TRP A 153 13.75 9.60 15.56
C TRP A 153 14.03 11.01 16.03
N LYS A 154 15.18 11.17 16.68
CA LYS A 154 15.60 12.46 17.21
C LYS A 154 17.10 12.60 17.08
N ALA A 155 17.55 13.83 16.83
CA ALA A 155 18.97 14.16 16.78
C ALA A 155 19.19 15.40 17.65
N ASP A 156 19.94 15.23 18.74
CA ASP A 156 20.31 16.32 19.64
C ASP A 156 19.09 17.02 20.24
N SER A 157 17.95 16.32 20.26
CA SER A 157 16.64 16.69 20.82
C SER A 157 15.62 16.92 19.71
N SER A 158 15.98 17.67 18.67
CA SER A 158 15.05 17.94 17.59
C SER A 158 14.79 16.69 16.77
N PRO A 159 13.58 16.50 16.25
CA PRO A 159 13.26 15.28 15.51
C PRO A 159 13.74 15.34 14.07
N VAL A 160 13.99 14.15 13.52
CA VAL A 160 14.43 14.01 12.14
C VAL A 160 13.44 13.11 11.40
N LYS A 161 13.33 13.35 10.09
CA LYS A 161 12.41 12.58 9.25
C LYS A 161 13.11 12.12 7.98
N ALA A 162 14.09 12.90 7.53
CA ALA A 162 14.81 12.58 6.30
C ALA A 162 15.81 11.45 6.56
N GLY A 163 15.74 10.41 5.74
CA GLY A 163 16.61 9.26 5.89
C GLY A 163 16.08 8.17 6.79
N VAL A 164 14.79 8.20 7.13
CA VAL A 164 14.19 7.23 8.05
C VAL A 164 13.40 6.21 7.23
N GLU A 165 13.67 4.94 7.46
CA GLU A 165 12.91 3.85 6.88
C GLU A 165 12.50 2.88 7.98
N THR A 166 11.22 2.57 8.05
CA THR A 166 10.68 1.63 9.01
C THR A 166 9.97 0.50 8.28
N THR A 167 10.29 -0.74 8.65
CA THR A 167 9.68 -1.89 8.00
C THR A 167 8.33 -2.22 8.62
N THR A 168 7.48 -2.86 7.83
CA THR A 168 6.19 -3.31 8.32
C THR A 168 6.41 -4.43 9.33
N PRO A 169 5.75 -4.40 10.49
CA PRO A 169 5.95 -5.47 11.48
C PRO A 169 5.50 -6.82 10.94
N SER A 170 6.36 -7.83 11.10
CA SER A 170 6.07 -9.19 10.69
C SER A 170 6.24 -10.12 11.89
N LYS A 171 5.64 -11.30 11.77
CA LYS A 171 5.56 -12.22 12.89
C LYS A 171 6.85 -13.01 13.06
N GLN A 172 7.28 -13.15 14.32
CA GLN A 172 8.38 -14.06 14.64
C GLN A 172 7.83 -15.47 14.81
N SER A 173 8.68 -16.40 15.27
CA SER A 173 8.27 -17.78 15.43
C SER A 173 7.46 -18.02 16.70
N ASN A 174 7.48 -17.08 17.65
CA ASN A 174 6.68 -17.18 18.86
C ASN A 174 5.36 -16.42 18.76
N ASN A 175 4.87 -16.19 17.54
CA ASN A 175 3.63 -15.47 17.27
C ASN A 175 3.66 -14.05 17.83
N LYS A 176 4.84 -13.48 18.03
CA LYS A 176 4.99 -12.07 18.32
C LYS A 176 5.59 -11.38 17.11
N TYR A 177 5.50 -10.05 17.10
CA TYR A 177 5.92 -9.27 15.95
C TYR A 177 7.32 -8.71 16.15
N ALA A 178 8.00 -8.48 15.02
CA ALA A 178 9.29 -7.82 15.01
C ALA A 178 9.32 -6.83 13.86
N ALA A 179 10.06 -5.74 14.06
CA ALA A 179 10.25 -4.72 13.04
C ALA A 179 11.59 -4.04 13.27
N SER A 180 11.91 -3.09 12.42
CA SER A 180 13.16 -2.35 12.56
C SER A 180 13.06 -1.05 11.77
N SER A 181 13.46 0.04 12.41
CA SER A 181 13.65 1.32 11.77
C SER A 181 15.13 1.61 11.65
N TYR A 182 15.55 2.20 10.53
CA TYR A 182 16.95 2.55 10.34
C TYR A 182 17.06 3.97 9.82
N LEU A 183 18.10 4.66 10.28
CA LEU A 183 18.39 6.04 9.89
C LEU A 183 19.79 6.08 9.28
N SER A 184 19.86 6.42 7.99
CA SER A 184 21.13 6.52 7.29
C SER A 184 21.59 7.97 7.23
N LEU A 185 22.87 8.19 7.52
CA LEU A 185 23.43 9.53 7.55
C LEU A 185 24.86 9.48 7.06
N THR A 186 25.43 10.66 6.87
CA THR A 186 26.85 10.77 6.63
C THR A 186 27.61 10.73 7.96
N PRO A 187 28.84 10.21 7.98
CA PRO A 187 29.62 10.19 9.22
C PRO A 187 29.82 11.55 9.85
N GLU A 188 29.74 12.63 9.06
CA GLU A 188 29.85 13.97 9.62
C GLU A 188 28.66 14.30 10.51
N GLN A 189 27.44 14.09 10.00
CA GLN A 189 26.25 14.27 10.81
C GLN A 189 26.28 13.39 12.05
N TRP A 190 26.81 12.17 11.92
CA TRP A 190 26.87 11.25 13.04
C TRP A 190 27.72 11.81 14.19
N LYS A 191 28.83 12.46 13.86
CA LYS A 191 29.70 13.04 14.88
C LYS A 191 29.35 14.49 15.22
N SER A 192 28.66 15.19 14.33
CA SER A 192 28.26 16.58 14.58
C SER A 192 27.05 16.69 15.50
N HIS A 193 26.60 15.58 16.10
CA HIS A 193 25.51 15.58 17.06
C HIS A 193 25.96 14.86 18.32
N LYS A 194 25.41 15.28 19.46
CA LYS A 194 25.81 14.70 20.73
C LYS A 194 25.10 13.38 21.00
N SER A 195 23.90 13.18 20.44
CA SER A 195 23.17 11.96 20.70
C SER A 195 22.08 11.80 19.64
N TYR A 196 21.68 10.54 19.41
CA TYR A 196 20.56 10.19 18.56
C TYR A 196 19.59 9.33 19.35
N SER A 197 18.31 9.44 19.01
CA SER A 197 17.27 8.77 19.79
C SER A 197 16.23 8.14 18.88
N CYS A 198 15.75 6.96 19.27
CA CYS A 198 14.67 6.26 18.59
C CYS A 198 13.55 6.00 19.59
N GLN A 199 12.34 6.40 19.24
CA GLN A 199 11.20 6.37 20.14
C GLN A 199 10.08 5.54 19.51
N VAL A 200 9.67 4.47 20.19
CA VAL A 200 8.69 3.53 19.67
C VAL A 200 7.43 3.61 20.52
N THR A 201 6.30 3.85 19.87
CA THR A 201 5.00 3.89 20.56
C THR A 201 4.23 2.63 20.22
N HIS A 202 3.76 1.93 21.26
CA HIS A 202 2.99 0.70 21.12
C HIS A 202 1.78 0.81 22.04
N GLU A 203 0.65 1.26 21.47
CA GLU A 203 -0.58 1.54 22.21
C GLU A 203 -0.26 2.63 23.23
N GLY A 204 -0.45 2.41 24.53
CA GLY A 204 -0.18 3.43 25.51
C GLY A 204 1.22 3.35 26.08
N SER A 205 2.10 2.63 25.41
CA SER A 205 3.48 2.45 25.85
C SER A 205 4.42 3.18 24.90
N THR A 206 5.41 3.87 25.46
CA THR A 206 6.41 4.59 24.69
C THR A 206 7.78 4.30 25.27
N VAL A 207 8.66 3.72 24.46
CA VAL A 207 10.06 3.49 24.82
C VAL A 207 10.93 4.35 23.93
N GLU A 208 11.96 4.96 24.52
CA GLU A 208 12.93 5.75 23.77
C GLU A 208 14.33 5.36 24.20
N LYS A 209 15.16 5.02 23.21
CA LYS A 209 16.56 4.68 23.45
C LYS A 209 17.45 5.72 22.79
N THR A 210 18.65 5.87 23.33
CA THR A 210 19.57 6.93 22.90
C THR A 210 20.98 6.36 22.77
N VAL A 211 21.66 6.74 21.69
CA VAL A 211 23.04 6.36 21.47
C VAL A 211 23.86 7.61 21.14
N ALA A 212 25.16 7.50 21.36
CA ALA A 212 26.11 8.56 21.09
C ALA A 212 27.34 7.95 20.43
N PRO A 213 28.16 8.74 19.74
CA PRO A 213 29.38 8.19 19.16
C PRO A 213 30.25 7.52 20.20
N THR A 214 30.96 6.49 19.76
CA THR A 214 31.78 5.71 20.69
C THR A 214 32.97 6.52 21.17
N GLU A 215 33.25 6.42 22.47
CA GLU A 215 34.43 7.03 23.06
C GLU A 215 35.60 6.06 23.15
N CYS A 216 35.36 4.79 22.93
CA CYS A 216 36.41 3.79 22.93
C CYS A 216 37.15 3.78 21.60
N ASN B 1 12.03 -38.00 4.62
CA ASN B 1 11.71 -38.76 3.42
C ASN B 1 11.88 -37.91 2.17
N PHE B 2 10.99 -38.11 1.20
CA PHE B 2 11.08 -37.40 -0.07
C PHE B 2 10.77 -35.92 0.12
N MET B 3 11.65 -35.06 -0.38
CA MET B 3 11.48 -33.61 -0.30
C MET B 3 11.73 -33.00 -1.67
N LEU B 4 11.11 -31.84 -1.89
CA LEU B 4 11.24 -31.10 -3.14
C LEU B 4 11.71 -29.68 -2.84
N THR B 5 12.74 -29.23 -3.54
CA THR B 5 13.37 -27.95 -3.28
C THR B 5 13.34 -27.09 -4.54
N GLN B 6 12.84 -25.87 -4.41
CA GLN B 6 12.81 -24.88 -5.46
C GLN B 6 13.61 -23.65 -5.04
N PRO B 7 14.09 -22.86 -5.98
CA PRO B 7 14.67 -21.56 -5.62
C PRO B 7 13.62 -20.66 -4.98
N HIS B 8 14.08 -19.74 -4.13
CA HIS B 8 13.15 -18.91 -3.38
C HIS B 8 12.49 -17.87 -4.27
N SER B 9 13.24 -17.31 -5.22
N SER B 9 13.24 -17.31 -5.22
CA SER B 9 12.73 -16.26 -6.09
CA SER B 9 12.72 -16.27 -6.09
C SER B 9 13.50 -16.26 -7.39
C SER B 9 13.50 -16.26 -7.39
N VAL B 10 12.80 -15.88 -8.47
CA VAL B 10 13.40 -15.71 -9.79
C VAL B 10 12.71 -14.51 -10.44
N SER B 11 13.39 -13.91 -11.41
CA SER B 11 12.82 -12.77 -12.12
C SER B 11 13.49 -12.66 -13.49
N GLU B 12 12.85 -11.90 -14.37
CA GLU B 12 13.30 -11.73 -15.74
C GLU B 12 12.43 -10.67 -16.42
N SER B 13 13.01 -10.00 -17.42
CA SER B 13 12.30 -8.95 -18.12
C SER B 13 11.19 -9.54 -19.01
N PRO B 14 10.21 -8.71 -19.40
CA PRO B 14 9.15 -9.21 -20.27
C PRO B 14 9.68 -9.71 -21.61
N GLY B 15 9.15 -10.87 -22.03
CA GLY B 15 9.47 -11.42 -23.33
C GLY B 15 10.55 -12.47 -23.34
N LYS B 16 11.30 -12.64 -22.25
CA LYS B 16 12.43 -13.56 -22.21
C LYS B 16 11.96 -14.94 -21.75
N THR B 17 12.91 -15.86 -21.56
CA THR B 17 12.63 -17.23 -21.20
C THR B 17 13.30 -17.55 -19.86
N LEU B 18 12.57 -18.25 -18.99
CA LEU B 18 13.02 -18.56 -17.64
C LEU B 18 12.58 -19.96 -17.26
N THR B 19 13.43 -20.67 -16.52
CA THR B 19 13.15 -22.03 -16.08
C THR B 19 13.23 -22.09 -14.55
N ILE B 20 12.21 -22.68 -13.94
CA ILE B 20 12.17 -22.92 -12.50
C ILE B 20 12.41 -24.40 -12.27
N SER B 21 13.41 -24.71 -11.45
CA SER B 21 13.80 -26.09 -11.19
C SER B 21 13.23 -26.59 -9.87
N CYS B 22 13.02 -27.91 -9.80
CA CYS B 22 12.46 -28.55 -8.61
C CYS B 22 13.25 -29.83 -8.38
N THR B 23 14.21 -29.79 -7.46
CA THR B 23 15.11 -30.91 -7.21
C THR B 23 14.62 -31.73 -6.03
N GLY B 24 14.57 -33.06 -6.21
CA GLY B 24 14.13 -33.95 -5.16
C GLY B 24 15.28 -34.49 -4.33
N SER B 25 14.94 -34.90 -3.10
CA SER B 25 15.91 -35.44 -2.16
C SER B 25 15.40 -36.76 -1.60
N SER B 26 16.35 -37.65 -1.27
CA SER B 26 16.09 -38.91 -0.59
C SER B 26 15.33 -39.92 -1.46
N ALA B 27 14.90 -39.51 -2.64
CA ALA B 27 14.21 -40.41 -3.56
C ALA B 27 14.32 -39.84 -4.97
N SER B 28 13.96 -40.68 -5.95
CA SER B 28 14.11 -40.33 -7.35
C SER B 28 12.94 -39.49 -7.83
N ILE B 29 13.24 -38.42 -8.59
CA ILE B 29 12.20 -37.57 -9.12
C ILE B 29 11.36 -38.28 -10.18
N ALA B 30 11.91 -39.32 -10.80
CA ALA B 30 11.22 -40.04 -11.86
C ALA B 30 10.30 -41.14 -11.34
N SER B 31 10.15 -41.25 -10.02
CA SER B 31 9.33 -42.33 -9.45
C SER B 31 7.84 -42.00 -9.48
N HIS B 32 7.48 -40.73 -9.43
CA HIS B 32 6.07 -40.33 -9.43
C HIS B 32 5.90 -39.11 -10.33
N TYR B 33 4.65 -38.81 -10.66
CA TYR B 33 4.35 -37.70 -11.54
C TYR B 33 4.52 -36.37 -10.82
N VAL B 34 4.88 -35.35 -11.60
CA VAL B 34 5.14 -34.01 -11.07
C VAL B 34 4.10 -33.05 -11.63
N GLN B 35 3.54 -32.22 -10.75
CA GLN B 35 2.60 -31.17 -11.13
C GLN B 35 3.24 -29.81 -10.91
N TRP B 36 2.74 -28.82 -11.64
CA TRP B 36 3.16 -27.43 -11.48
C TRP B 36 1.94 -26.56 -11.33
N TYR B 37 1.85 -25.85 -10.20
CA TYR B 37 0.72 -24.97 -9.90
C TYR B 37 1.20 -23.52 -9.87
N GLN B 38 0.30 -22.63 -10.30
CA GLN B 38 0.57 -21.19 -10.34
C GLN B 38 -0.43 -20.48 -9.47
N GLN B 39 0.05 -19.67 -8.53
CA GLN B 39 -0.79 -18.85 -7.66
C GLN B 39 -0.48 -17.39 -7.95
N ARG B 40 -1.38 -16.73 -8.68
CA ARG B 40 -1.26 -15.29 -8.88
C ARG B 40 -1.48 -14.58 -7.55
N PRO B 41 -0.92 -13.37 -7.37
CA PRO B 41 -1.10 -12.65 -6.10
C PRO B 41 -2.55 -12.34 -5.80
N GLY B 42 -3.13 -13.05 -4.84
CA GLY B 42 -4.50 -12.83 -4.43
C GLY B 42 -5.53 -13.67 -5.13
N GLY B 43 -5.11 -14.64 -5.95
CA GLY B 43 -6.02 -15.51 -6.67
C GLY B 43 -5.95 -16.95 -6.22
N ALA B 44 -6.79 -17.76 -6.85
CA ALA B 44 -6.83 -19.18 -6.55
C ALA B 44 -5.77 -19.94 -7.35
N PRO B 45 -5.20 -21.00 -6.79
CA PRO B 45 -4.19 -21.76 -7.52
C PRO B 45 -4.80 -22.52 -8.69
N THR B 46 -4.04 -22.62 -9.78
CA THR B 46 -4.46 -23.35 -10.97
C THR B 46 -3.36 -24.29 -11.41
N THR B 47 -3.74 -25.30 -12.18
CA THR B 47 -2.80 -26.31 -12.65
C THR B 47 -2.21 -25.88 -13.99
N LEU B 48 -0.90 -25.70 -14.02
CA LEU B 48 -0.17 -25.38 -15.24
C LEU B 48 0.26 -26.63 -16.00
N ILE B 49 0.92 -27.55 -15.30
CA ILE B 49 1.43 -28.78 -15.89
C ILE B 49 1.11 -29.93 -14.94
N TYR B 50 0.67 -31.05 -15.50
CA TYR B 50 0.43 -32.25 -14.73
C TYR B 50 1.07 -33.44 -15.42
N GLU B 51 1.45 -34.44 -14.62
CA GLU B 51 2.08 -35.65 -15.13
C GLU B 51 3.32 -35.34 -15.97
N ASN B 52 4.23 -34.58 -15.36
CA ASN B 52 5.56 -34.25 -15.89
C ASN B 52 5.52 -33.22 -17.02
N ASP B 53 4.65 -33.41 -18.01
CA ASP B 53 4.65 -32.47 -19.12
C ASP B 53 3.29 -32.29 -19.80
N GLN B 54 2.23 -32.92 -19.32
CA GLN B 54 0.92 -32.72 -19.94
C GLN B 54 0.39 -31.33 -19.59
N ARG B 55 -0.17 -30.65 -20.59
CA ARG B 55 -0.66 -29.29 -20.44
C ARG B 55 -2.16 -29.25 -20.63
N PRO B 56 -2.91 -28.71 -19.66
CA PRO B 56 -4.34 -28.48 -19.90
C PRO B 56 -4.54 -27.49 -21.04
N SER B 57 -5.60 -27.70 -21.82
CA SER B 57 -5.78 -26.97 -23.07
C SER B 57 -5.90 -25.47 -22.84
N GLU B 58 -6.47 -25.05 -21.72
CA GLU B 58 -6.63 -23.62 -21.45
C GLU B 58 -5.32 -22.96 -21.08
N VAL B 59 -4.25 -23.72 -20.85
CA VAL B 59 -2.95 -23.16 -20.48
C VAL B 59 -2.16 -22.88 -21.74
N PRO B 60 -1.60 -21.68 -21.89
CA PRO B 60 -0.84 -21.36 -23.11
C PRO B 60 0.37 -22.27 -23.27
N ASP B 61 0.74 -22.51 -24.53
CA ASP B 61 1.87 -23.39 -24.84
C ASP B 61 3.21 -22.78 -24.46
N ARG B 62 3.24 -21.54 -23.97
CA ARG B 62 4.48 -20.96 -23.47
C ARG B 62 5.01 -21.70 -22.24
N PHE B 63 4.14 -22.45 -21.56
CA PHE B 63 4.53 -23.25 -20.41
C PHE B 63 4.89 -24.66 -20.86
N SER B 64 5.91 -25.24 -20.21
CA SER B 64 6.34 -26.58 -20.54
C SER B 64 7.09 -27.16 -19.35
N GLY B 65 6.97 -28.48 -19.18
CA GLY B 65 7.63 -29.18 -18.09
C GLY B 65 8.51 -30.29 -18.62
N SER B 66 9.60 -30.55 -17.90
CA SER B 66 10.56 -31.58 -18.27
C SER B 66 11.05 -32.30 -17.02
N ILE B 67 11.76 -33.39 -17.25
CA ILE B 67 12.37 -34.17 -16.18
C ILE B 67 13.82 -34.46 -16.56
N ASP B 68 14.72 -34.32 -15.59
CA ASP B 68 16.14 -34.59 -15.79
C ASP B 68 16.61 -35.54 -14.68
N SER B 69 16.74 -36.82 -15.02
CA SER B 69 17.15 -37.81 -14.04
C SER B 69 18.58 -37.63 -13.58
N SER B 70 19.42 -36.98 -14.40
CA SER B 70 20.82 -36.80 -14.02
C SER B 70 20.96 -35.92 -12.79
N SER B 71 20.19 -34.83 -12.72
CA SER B 71 20.18 -33.95 -11.57
C SER B 71 19.05 -34.25 -10.61
N ASN B 72 18.22 -35.27 -10.89
CA ASN B 72 17.09 -35.64 -10.06
C ASN B 72 16.16 -34.45 -9.85
N SER B 73 15.74 -33.83 -10.95
CA SER B 73 14.98 -32.59 -10.88
C SER B 73 13.90 -32.58 -11.96
N ALA B 74 12.85 -31.80 -11.70
CA ALA B 74 11.85 -31.43 -12.67
C ALA B 74 11.94 -29.93 -12.89
N SER B 75 11.53 -29.48 -14.08
CA SER B 75 11.72 -28.08 -14.45
C SER B 75 10.49 -27.56 -15.19
N LEU B 76 10.10 -26.34 -14.84
CA LEU B 76 9.06 -25.58 -15.54
C LEU B 76 9.72 -24.49 -16.36
N THR B 77 9.43 -24.46 -17.65
CA THR B 77 9.98 -23.46 -18.56
C THR B 77 8.89 -22.54 -19.08
N ILE B 78 9.19 -21.25 -19.13
CA ILE B 78 8.25 -20.23 -19.58
C ILE B 78 8.92 -19.46 -20.71
N SER B 79 8.49 -19.71 -21.94
CA SER B 79 9.02 -19.01 -23.10
C SER B 79 8.19 -17.77 -23.39
N GLY B 80 8.85 -16.63 -23.49
CA GLY B 80 8.16 -15.37 -23.71
C GLY B 80 7.41 -14.91 -22.48
N LEU B 81 8.13 -14.36 -21.51
CA LEU B 81 7.53 -13.92 -20.25
C LEU B 81 6.54 -12.79 -20.48
N LYS B 82 5.32 -12.98 -19.99
CA LYS B 82 4.28 -11.95 -20.05
C LYS B 82 4.02 -11.41 -18.65
N THR B 83 3.37 -10.24 -18.60
CA THR B 83 3.16 -9.57 -17.33
C THR B 83 2.22 -10.36 -16.43
N GLU B 84 1.22 -11.03 -17.01
CA GLU B 84 0.29 -11.83 -16.22
C GLU B 84 0.92 -13.09 -15.66
N ASP B 85 2.21 -13.33 -15.90
CA ASP B 85 2.89 -14.50 -15.39
C ASP B 85 3.51 -14.28 -14.01
N GLU B 86 3.53 -13.03 -13.54
CA GLU B 86 4.02 -12.73 -12.20
C GLU B 86 3.16 -13.43 -11.15
N ALA B 87 3.72 -14.42 -10.47
CA ALA B 87 2.96 -15.26 -9.55
C ALA B 87 3.95 -16.11 -8.76
N ASP B 88 3.41 -16.92 -7.85
CA ASP B 88 4.16 -17.93 -7.13
C ASP B 88 3.95 -19.28 -7.81
N TYR B 89 5.00 -20.11 -7.83
CA TYR B 89 4.99 -21.36 -8.56
C TYR B 89 5.42 -22.49 -7.65
N TYR B 90 4.70 -23.62 -7.73
CA TYR B 90 4.93 -24.77 -6.87
C TYR B 90 5.02 -26.04 -7.70
N CYS B 91 5.99 -26.88 -7.37
CA CYS B 91 6.05 -28.25 -7.88
C CYS B 91 5.47 -29.19 -6.83
N GLN B 92 4.92 -30.32 -7.30
CA GLN B 92 4.21 -31.23 -6.41
C GLN B 92 4.31 -32.65 -6.95
N SER B 93 4.54 -33.60 -6.04
CA SER B 93 4.59 -35.01 -6.40
C SER B 93 4.07 -35.87 -5.26
N TYR B 94 4.61 -37.09 -5.13
CA TYR B 94 4.17 -38.02 -4.11
C TYR B 94 5.38 -38.79 -3.57
N ASP B 95 5.24 -39.26 -2.33
CA ASP B 95 6.30 -40.03 -1.70
C ASP B 95 6.06 -41.53 -1.94
N GLY B 96 6.86 -42.37 -1.27
CA GLY B 96 6.74 -43.81 -1.46
C GLY B 96 5.37 -44.35 -1.07
N ASN B 97 4.71 -43.70 -0.11
CA ASN B 97 3.35 -44.07 0.29
C ASN B 97 2.28 -43.29 -0.46
N ASN B 98 2.67 -42.55 -1.49
CA ASN B 98 1.74 -41.80 -2.36
C ASN B 98 0.98 -40.73 -1.57
N HIS B 99 1.68 -40.08 -0.66
CA HIS B 99 1.17 -38.87 -0.02
C HIS B 99 1.75 -37.64 -0.70
N TRP B 100 1.04 -36.53 -0.60
CA TRP B 100 1.48 -35.31 -1.28
C TRP B 100 2.83 -34.85 -0.76
N VAL B 101 3.68 -34.40 -1.69
CA VAL B 101 4.95 -33.76 -1.37
C VAL B 101 5.04 -32.49 -2.21
N PHE B 102 5.18 -31.35 -1.55
CA PHE B 102 5.14 -30.05 -2.20
C PHE B 102 6.51 -29.38 -2.13
N GLY B 103 6.87 -28.69 -3.20
CA GLY B 103 8.03 -27.83 -3.16
C GLY B 103 7.78 -26.58 -2.35
N GLY B 104 8.87 -25.90 -1.99
CA GLY B 104 8.77 -24.72 -1.15
C GLY B 104 8.15 -23.51 -1.82
N GLY B 105 8.02 -23.53 -3.15
CA GLY B 105 7.43 -22.41 -3.87
C GLY B 105 8.45 -21.38 -4.31
N THR B 106 8.28 -20.85 -5.52
CA THR B 106 9.18 -19.86 -6.08
C THR B 106 8.39 -18.63 -6.49
N LYS B 107 8.84 -17.46 -6.06
CA LYS B 107 8.21 -16.20 -6.43
C LYS B 107 8.82 -15.72 -7.75
N LEU B 108 7.96 -15.53 -8.76
CA LEU B 108 8.39 -15.02 -10.06
C LEU B 108 7.98 -13.56 -10.17
N THR B 109 8.90 -12.73 -10.66
CA THR B 109 8.65 -11.32 -10.88
C THR B 109 8.95 -11.00 -12.34
N VAL B 110 8.02 -10.30 -12.99
CA VAL B 110 8.26 -9.73 -14.30
C VAL B 110 8.78 -8.31 -14.08
N LEU B 111 10.05 -8.09 -14.40
CA LEU B 111 10.75 -6.88 -13.98
C LEU B 111 10.10 -5.63 -14.54
N SER B 112 9.60 -4.78 -13.64
CA SER B 112 9.09 -3.46 -13.99
C SER B 112 10.10 -2.36 -13.68
N GLN B 113 11.20 -2.68 -13.00
CA GLN B 113 12.23 -1.72 -12.63
C GLN B 113 13.54 -2.48 -12.48
N PRO B 114 14.67 -1.78 -12.48
CA PRO B 114 15.96 -2.49 -12.47
C PRO B 114 16.13 -3.40 -11.26
N LYS B 115 16.66 -4.60 -11.52
CA LYS B 115 17.05 -5.50 -10.44
C LYS B 115 18.15 -4.86 -9.60
N ALA B 116 18.04 -5.00 -8.29
CA ALA B 116 19.01 -4.41 -7.37
C ALA B 116 19.33 -5.40 -6.27
N ALA B 117 20.60 -5.79 -6.16
CA ALA B 117 21.03 -6.67 -5.10
C ALA B 117 21.00 -5.93 -3.76
N PRO B 118 20.80 -6.63 -2.66
CA PRO B 118 20.67 -5.96 -1.36
C PRO B 118 21.99 -5.54 -0.76
N SER B 119 21.94 -4.45 0.01
CA SER B 119 23.02 -4.06 0.89
C SER B 119 22.84 -4.77 2.24
N VAL B 120 23.94 -5.25 2.80
CA VAL B 120 23.92 -6.04 4.02
C VAL B 120 24.85 -5.39 5.02
N THR B 121 24.29 -4.86 6.11
CA THR B 121 25.05 -4.22 7.17
C THR B 121 24.87 -5.02 8.45
N LEU B 122 25.97 -5.49 9.01
CA LEU B 122 25.96 -6.36 10.19
C LEU B 122 26.40 -5.57 11.41
N PHE B 123 25.59 -5.62 12.46
CA PHE B 123 25.83 -4.84 13.68
C PHE B 123 26.19 -5.76 14.84
N PRO B 124 27.28 -5.50 15.54
CA PRO B 124 27.62 -6.28 16.72
C PRO B 124 26.83 -5.82 17.92
N PRO B 125 26.84 -6.57 19.02
CA PRO B 125 26.14 -6.12 20.24
C PRO B 125 26.72 -4.81 20.74
N SER B 126 25.83 -3.92 21.16
CA SER B 126 26.24 -2.62 21.67
C SER B 126 26.75 -2.75 23.11
N SER B 127 27.37 -1.67 23.59
CA SER B 127 27.82 -1.63 24.98
C SER B 127 26.62 -1.53 25.93
N GLU B 128 25.64 -0.68 25.58
CA GLU B 128 24.41 -0.57 26.35
C GLU B 128 23.75 -1.92 26.52
N GLU B 129 23.95 -2.83 25.57
CA GLU B 129 23.35 -4.15 25.63
C GLU B 129 24.17 -5.09 26.51
N LEU B 130 25.47 -5.19 26.23
CA LEU B 130 26.34 -6.04 27.04
C LEU B 130 26.43 -5.55 28.48
N GLN B 131 26.18 -4.26 28.70
CA GLN B 131 26.06 -3.76 30.08
C GLN B 131 24.89 -4.43 30.80
N ALA B 132 23.84 -4.79 30.07
CA ALA B 132 22.64 -5.37 30.64
C ALA B 132 22.61 -6.90 30.52
N ASN B 133 23.77 -7.53 30.33
CA ASN B 133 23.88 -8.99 30.23
C ASN B 133 23.08 -9.54 29.05
N LYS B 134 23.00 -8.79 27.95
CA LYS B 134 22.30 -9.21 26.76
C LYS B 134 23.15 -8.96 25.53
N ALA B 135 22.94 -9.78 24.50
CA ALA B 135 23.68 -9.67 23.25
C ALA B 135 22.77 -10.00 22.08
N THR B 136 22.69 -9.07 21.12
CA THR B 136 21.91 -9.28 19.91
C THR B 136 22.69 -8.74 18.72
N LEU B 137 22.78 -9.55 17.67
CA LEU B 137 23.32 -9.12 16.39
C LEU B 137 22.16 -8.81 15.45
N VAL B 138 22.31 -7.75 14.66
CA VAL B 138 21.27 -7.31 13.74
C VAL B 138 21.86 -7.24 12.34
N CYS B 139 21.19 -7.90 11.39
CA CYS B 139 21.57 -7.89 9.98
C CYS B 139 20.57 -7.02 9.23
N LEU B 140 21.02 -5.86 8.75
CA LEU B 140 20.16 -4.93 8.03
C LEU B 140 20.28 -5.18 6.54
N ILE B 141 19.16 -5.47 5.89
CA ILE B 141 19.10 -5.76 4.47
C ILE B 141 18.24 -4.67 3.83
N SER B 142 18.80 -3.95 2.85
CA SER B 142 18.11 -2.80 2.31
C SER B 142 18.43 -2.63 0.83
N ASP B 143 17.56 -1.88 0.15
CA ASP B 143 17.78 -1.40 -1.21
C ASP B 143 17.86 -2.55 -2.22
N PHE B 144 16.90 -3.48 -2.13
CA PHE B 144 16.86 -4.60 -3.06
C PHE B 144 15.50 -4.72 -3.73
N TYR B 145 15.52 -5.25 -4.95
CA TYR B 145 14.35 -5.54 -5.77
C TYR B 145 14.70 -6.70 -6.68
N PRO B 146 13.82 -7.69 -6.86
CA PRO B 146 12.49 -7.87 -6.24
C PRO B 146 12.57 -8.10 -4.74
N GLY B 147 11.48 -7.87 -4.02
CA GLY B 147 11.49 -7.98 -2.58
C GLY B 147 11.39 -9.40 -2.07
N ALA B 148 12.48 -10.15 -2.20
CA ALA B 148 12.50 -11.54 -1.74
C ALA B 148 13.94 -11.93 -1.43
N VAL B 149 14.19 -12.30 -0.17
CA VAL B 149 15.52 -12.72 0.28
C VAL B 149 15.37 -13.87 1.26
N THR B 150 16.47 -14.59 1.47
CA THR B 150 16.59 -15.59 2.52
C THR B 150 17.87 -15.34 3.29
N VAL B 151 17.82 -15.52 4.61
CA VAL B 151 18.91 -15.17 5.50
C VAL B 151 19.38 -16.42 6.24
N ALA B 152 20.70 -16.56 6.38
CA ALA B 152 21.30 -17.67 7.10
C ALA B 152 22.47 -17.14 7.92
N TRP B 153 22.53 -17.56 9.18
CA TRP B 153 23.58 -17.14 10.11
C TRP B 153 24.57 -18.28 10.32
N LYS B 154 25.79 -17.90 10.72
CA LYS B 154 26.82 -18.88 11.06
C LYS B 154 27.64 -18.38 12.24
N ALA B 155 27.85 -19.26 13.21
CA ALA B 155 28.81 -19.02 14.29
C ALA B 155 30.12 -19.69 13.90
N ASP B 156 31.20 -18.90 13.84
CA ASP B 156 32.48 -19.35 13.30
C ASP B 156 32.28 -19.83 11.87
N SER B 157 32.00 -21.13 11.70
CA SER B 157 31.70 -21.66 10.38
C SER B 157 30.57 -22.69 10.39
N SER B 158 29.86 -22.85 11.51
CA SER B 158 28.73 -23.77 11.52
C SER B 158 27.42 -22.99 11.46
N PRO B 159 26.43 -23.49 10.73
CA PRO B 159 25.13 -22.81 10.69
C PRO B 159 24.44 -22.87 12.03
N VAL B 160 23.82 -21.76 12.42
CA VAL B 160 23.07 -21.65 13.66
C VAL B 160 21.61 -21.36 13.33
N LYS B 161 20.71 -22.12 13.96
CA LYS B 161 19.27 -21.97 13.76
C LYS B 161 18.55 -21.43 14.99
N ALA B 162 19.04 -21.76 16.18
CA ALA B 162 18.42 -21.29 17.41
C ALA B 162 18.74 -19.81 17.63
N GLY B 163 17.71 -19.00 17.82
CA GLY B 163 17.88 -17.58 18.10
C GLY B 163 17.73 -16.66 16.91
N VAL B 164 17.42 -17.18 15.72
CA VAL B 164 17.31 -16.35 14.53
C VAL B 164 15.86 -15.93 14.35
N GLU B 165 15.66 -14.66 14.04
CA GLU B 165 14.35 -14.11 13.69
C GLU B 165 14.52 -13.18 12.50
N THR B 166 13.74 -13.40 11.45
CA THR B 166 13.84 -12.62 10.23
C THR B 166 12.49 -12.00 9.91
N THR B 167 12.50 -10.72 9.57
CA THR B 167 11.28 -9.99 9.22
C THR B 167 10.99 -10.12 7.73
N THR B 168 9.72 -9.88 7.38
CA THR B 168 9.31 -9.94 5.99
C THR B 168 9.71 -8.65 5.26
N PRO B 169 10.02 -8.75 3.97
CA PRO B 169 10.46 -7.56 3.22
C PRO B 169 9.37 -6.50 3.17
N SER B 170 9.77 -5.25 3.39
N SER B 170 9.78 -5.26 3.38
CA SER B 170 8.86 -4.12 3.37
CA SER B 170 8.87 -4.12 3.37
C SER B 170 9.37 -3.07 2.37
C SER B 170 9.37 -3.07 2.38
N LYS B 171 8.44 -2.51 1.61
CA LYS B 171 8.80 -1.56 0.56
C LYS B 171 9.18 -0.21 1.17
N GLN B 172 10.43 0.20 0.97
CA GLN B 172 10.89 1.49 1.46
C GLN B 172 10.30 2.62 0.61
N SER B 173 10.72 3.85 0.89
CA SER B 173 10.18 5.00 0.19
C SER B 173 10.79 5.20 -1.20
N ASN B 174 11.93 4.56 -1.48
CA ASN B 174 12.54 4.63 -2.80
C ASN B 174 12.07 3.51 -3.72
N ASN B 175 10.96 2.85 -3.38
CA ASN B 175 10.34 1.77 -4.15
C ASN B 175 11.19 0.51 -4.19
N LYS B 176 12.23 0.42 -3.38
CA LYS B 176 12.94 -0.82 -3.15
C LYS B 176 12.52 -1.40 -1.80
N TYR B 177 13.10 -2.54 -1.43
CA TYR B 177 12.68 -3.26 -0.25
C TYR B 177 13.77 -3.29 0.81
N ALA B 178 13.34 -3.42 2.06
CA ALA B 178 14.24 -3.54 3.20
C ALA B 178 13.73 -4.65 4.10
N ALA B 179 14.65 -5.23 4.87
CA ALA B 179 14.31 -6.29 5.82
C ALA B 179 15.45 -6.39 6.83
N SER B 180 15.20 -7.13 7.90
CA SER B 180 16.21 -7.31 8.93
C SER B 180 16.10 -8.71 9.53
N SER B 181 17.22 -9.20 10.04
CA SER B 181 17.28 -10.44 10.79
C SER B 181 18.15 -10.22 12.01
N TYR B 182 17.79 -10.87 13.11
CA TYR B 182 18.54 -10.70 14.35
C TYR B 182 18.76 -12.05 15.02
N LEU B 183 19.91 -12.16 15.69
CA LEU B 183 20.32 -13.36 16.41
C LEU B 183 20.57 -12.98 17.86
N SER B 184 19.83 -13.59 18.78
CA SER B 184 19.91 -13.28 20.20
C SER B 184 20.71 -14.36 20.91
N LEU B 185 21.86 -13.97 21.46
CA LEU B 185 22.71 -14.88 22.22
C LEU B 185 22.88 -14.36 23.65
N THR B 186 23.58 -15.14 24.45
CA THR B 186 24.09 -14.69 25.74
C THR B 186 25.46 -14.04 25.55
N PRO B 187 25.87 -13.15 26.45
CA PRO B 187 27.23 -12.57 26.34
C PRO B 187 28.33 -13.61 26.40
N GLU B 188 28.05 -14.79 26.96
CA GLU B 188 29.04 -15.86 26.97
C GLU B 188 29.25 -16.42 25.57
N GLN B 189 28.16 -16.75 24.87
CA GLN B 189 28.27 -17.30 23.53
C GLN B 189 28.88 -16.29 22.57
N TRP B 190 28.57 -15.01 22.74
CA TRP B 190 29.17 -13.97 21.91
C TRP B 190 30.68 -13.95 22.07
N LYS B 191 31.17 -14.02 23.32
CA LYS B 191 32.60 -13.98 23.56
C LYS B 191 33.29 -15.28 23.16
N SER B 192 32.58 -16.41 23.23
CA SER B 192 33.21 -17.70 22.98
C SER B 192 33.63 -17.85 21.53
N HIS B 193 32.72 -17.57 20.61
CA HIS B 193 33.01 -17.73 19.19
C HIS B 193 33.91 -16.61 18.69
N LYS B 194 34.69 -16.92 17.65
CA LYS B 194 35.64 -15.97 17.10
C LYS B 194 35.04 -15.06 16.04
N SER B 195 33.96 -15.47 15.38
CA SER B 195 33.32 -14.63 14.38
C SER B 195 31.89 -15.11 14.18
N TYR B 196 31.03 -14.17 13.79
CA TYR B 196 29.65 -14.45 13.42
C TYR B 196 29.39 -13.90 12.02
N SER B 197 28.54 -14.60 11.26
CA SER B 197 28.30 -14.23 9.88
C SER B 197 26.81 -14.27 9.59
N CYS B 198 26.36 -13.33 8.76
CA CYS B 198 24.99 -13.27 8.26
C CYS B 198 25.04 -13.34 6.74
N GLN B 199 24.36 -14.33 6.16
CA GLN B 199 24.41 -14.59 4.73
C GLN B 199 23.03 -14.33 4.15
N VAL B 200 22.96 -13.41 3.19
CA VAL B 200 21.70 -13.00 2.56
C VAL B 200 21.73 -13.47 1.11
N THR B 201 20.71 -14.24 0.71
CA THR B 201 20.58 -14.73 -0.65
C THR B 201 19.48 -13.96 -1.36
N HIS B 202 19.78 -13.50 -2.58
CA HIS B 202 18.82 -12.75 -3.40
C HIS B 202 18.96 -13.24 -4.84
N GLU B 203 18.13 -14.22 -5.21
CA GLU B 203 18.06 -14.75 -6.57
C GLU B 203 19.41 -15.30 -7.03
N GLY B 204 19.90 -16.30 -6.29
CA GLY B 204 21.17 -16.91 -6.59
C GLY B 204 22.39 -16.06 -6.30
N SER B 205 22.20 -14.80 -5.90
CA SER B 205 23.29 -13.93 -5.48
C SER B 205 23.30 -13.88 -3.95
N THR B 206 24.47 -14.05 -3.35
CA THR B 206 24.60 -14.09 -1.91
C THR B 206 25.56 -12.99 -1.44
N VAL B 207 25.09 -12.18 -0.49
CA VAL B 207 25.93 -11.21 0.21
C VAL B 207 26.09 -11.71 1.65
N GLU B 208 27.30 -11.62 2.18
CA GLU B 208 27.61 -12.20 3.48
C GLU B 208 28.61 -11.31 4.20
N LYS B 209 28.25 -10.85 5.39
CA LYS B 209 29.10 -10.04 6.22
C LYS B 209 29.54 -10.82 7.46
N THR B 210 30.64 -10.38 8.06
CA THR B 210 31.23 -11.05 9.20
C THR B 210 31.70 -10.03 10.22
N VAL B 211 31.39 -10.28 11.50
CA VAL B 211 31.87 -9.47 12.61
C VAL B 211 32.52 -10.39 13.63
N ALA B 212 33.46 -9.84 14.40
CA ALA B 212 34.18 -10.58 15.41
C ALA B 212 34.14 -9.83 16.73
N PRO B 213 34.12 -10.56 17.86
CA PRO B 213 34.12 -9.89 19.17
C PRO B 213 35.38 -9.07 19.40
N THR B 214 35.25 -7.76 19.24
CA THR B 214 36.30 -6.82 19.60
C THR B 214 35.82 -6.01 20.79
N GLU B 215 36.66 -5.91 21.83
CA GLU B 215 36.33 -5.17 23.04
C GLU B 215 35.86 -3.75 22.68
N CYS B 216 34.59 -3.46 22.98
CA CYS B 216 33.86 -2.25 22.62
C CYS B 216 33.58 -2.19 21.12
N ASN C 1 1.50 2.14 0.90
CA ASN C 1 2.03 3.12 -0.05
C ASN C 1 1.89 2.64 -1.49
N PHE C 2 0.77 3.01 -2.11
CA PHE C 2 0.48 2.72 -3.51
C PHE C 2 -0.79 3.46 -3.88
N MET C 3 -0.76 4.21 -4.98
CA MET C 3 -1.85 5.11 -5.32
C MET C 3 -2.24 4.97 -6.78
N LEU C 4 -3.53 5.07 -7.05
CA LEU C 4 -4.09 5.02 -8.38
C LEU C 4 -4.70 6.36 -8.74
N THR C 5 -4.64 6.72 -10.02
CA THR C 5 -5.07 8.04 -10.48
C THR C 5 -5.93 7.89 -11.73
N GLN C 6 -7.09 8.53 -11.73
CA GLN C 6 -8.01 8.57 -12.85
C GLN C 6 -8.28 10.02 -13.25
N PRO C 7 -8.70 10.26 -14.50
CA PRO C 7 -9.24 11.57 -14.84
C PRO C 7 -10.50 11.85 -14.05
N HIS C 8 -10.77 13.14 -13.80
CA HIS C 8 -11.95 13.50 -13.03
C HIS C 8 -13.23 13.28 -13.82
N SER C 9 -13.19 13.48 -15.14
CA SER C 9 -14.37 13.33 -15.97
C SER C 9 -13.98 13.20 -17.43
N VAL C 10 -14.73 12.38 -18.16
CA VAL C 10 -14.59 12.26 -19.61
C VAL C 10 -15.99 12.20 -20.21
N SER C 11 -16.08 12.58 -21.49
CA SER C 11 -17.33 12.56 -22.21
C SER C 11 -17.09 12.07 -23.64
N GLU C 12 -18.11 11.43 -24.21
CA GLU C 12 -18.01 10.89 -25.55
C GLU C 12 -19.41 10.66 -26.10
N SER C 13 -19.55 10.77 -27.41
CA SER C 13 -20.85 10.66 -28.06
C SER C 13 -21.34 9.21 -28.05
N PRO C 14 -22.65 9.00 -28.18
CA PRO C 14 -23.16 7.63 -28.26
C PRO C 14 -22.65 6.91 -29.50
N GLY C 15 -22.27 5.65 -29.32
CA GLY C 15 -21.84 4.80 -30.41
C GLY C 15 -20.33 4.70 -30.58
N LYS C 16 -19.57 5.61 -29.98
CA LYS C 16 -18.12 5.58 -30.10
C LYS C 16 -17.51 4.67 -29.03
N THR C 17 -16.19 4.55 -29.06
CA THR C 17 -15.46 3.74 -28.10
C THR C 17 -14.67 4.66 -27.17
N LEU C 18 -14.80 4.43 -25.87
CA LEU C 18 -14.15 5.26 -24.86
C LEU C 18 -13.36 4.37 -23.91
N THR C 19 -12.20 4.88 -23.47
CA THR C 19 -11.33 4.17 -22.53
C THR C 19 -11.00 5.08 -21.36
N ILE C 20 -11.23 4.60 -20.15
CA ILE C 20 -10.81 5.27 -18.93
C ILE C 20 -9.58 4.54 -18.40
N SER C 21 -8.48 5.26 -18.25
CA SER C 21 -7.21 4.68 -17.81
C SER C 21 -6.92 5.06 -16.37
N CYS C 22 -6.22 4.16 -15.66
CA CYS C 22 -5.98 4.28 -14.23
C CYS C 22 -4.50 4.00 -13.98
N THR C 23 -3.74 5.04 -13.64
CA THR C 23 -2.30 4.96 -13.51
C THR C 23 -1.88 4.78 -12.05
N GLY C 24 -0.92 3.89 -11.82
CA GLY C 24 -0.45 3.59 -10.48
C GLY C 24 0.87 4.26 -10.17
N SER C 25 1.10 4.52 -8.88
CA SER C 25 2.30 5.20 -8.42
C SER C 25 2.89 4.42 -7.25
N SER C 26 4.22 4.34 -7.21
CA SER C 26 5.00 3.76 -6.12
C SER C 26 4.87 2.23 -6.03
N ALA C 27 4.41 1.58 -7.10
CA ALA C 27 4.35 0.12 -7.17
C ALA C 27 4.04 -0.27 -8.60
N SER C 28 4.13 -1.56 -8.88
CA SER C 28 3.84 -2.10 -10.20
C SER C 28 2.37 -2.46 -10.29
N ILE C 29 1.73 -2.05 -11.39
CA ILE C 29 0.30 -2.32 -11.57
C ILE C 29 0.04 -3.82 -11.73
N ALA C 30 1.02 -4.56 -12.25
CA ALA C 30 0.89 -5.98 -12.48
C ALA C 30 1.00 -6.81 -11.20
N SER C 31 1.26 -6.17 -10.06
CA SER C 31 1.48 -6.90 -8.82
C SER C 31 0.19 -7.38 -8.17
N HIS C 32 -0.95 -6.77 -8.48
CA HIS C 32 -2.21 -7.13 -7.83
C HIS C 32 -3.36 -6.99 -8.81
N TYR C 33 -4.43 -7.72 -8.52
CA TYR C 33 -5.61 -7.71 -9.37
C TYR C 33 -6.27 -6.33 -9.35
N VAL C 34 -6.79 -5.91 -10.50
CA VAL C 34 -7.45 -4.61 -10.65
C VAL C 34 -8.93 -4.85 -10.91
N GLN C 35 -9.78 -4.18 -10.12
CA GLN C 35 -11.22 -4.26 -10.28
C GLN C 35 -11.76 -2.95 -10.83
N TRP C 36 -12.94 -3.03 -11.44
CA TRP C 36 -13.60 -1.87 -12.03
C TRP C 36 -15.05 -1.85 -11.58
N TYR C 37 -15.48 -0.71 -11.03
CA TYR C 37 -16.82 -0.55 -10.49
C TYR C 37 -17.55 0.58 -11.20
N GLN C 38 -18.82 0.36 -11.51
CA GLN C 38 -19.70 1.37 -12.09
C GLN C 38 -20.68 1.84 -11.03
N GLN C 39 -20.78 3.16 -10.86
CA GLN C 39 -21.70 3.77 -9.92
C GLN C 39 -22.65 4.67 -10.72
N ARG C 40 -23.82 4.13 -11.04
CA ARG C 40 -24.80 4.90 -11.80
C ARG C 40 -25.51 5.90 -10.90
N PRO C 41 -25.96 7.04 -11.45
CA PRO C 41 -26.76 7.97 -10.65
C PRO C 41 -28.03 7.33 -10.14
N GLY C 42 -27.97 6.78 -8.93
CA GLY C 42 -29.09 6.06 -8.35
C GLY C 42 -28.69 5.18 -7.19
N GLY C 43 -27.47 4.67 -7.23
CA GLY C 43 -26.92 3.87 -6.14
C GLY C 43 -26.60 2.45 -6.57
N ALA C 44 -26.06 1.69 -5.61
CA ALA C 44 -25.67 0.29 -5.75
C ALA C 44 -24.55 0.13 -6.79
N PRO C 45 -23.29 0.12 -6.35
CA PRO C 45 -22.19 -0.09 -7.31
C PRO C 45 -22.29 -1.45 -7.99
N THR C 46 -21.82 -1.48 -9.23
CA THR C 46 -21.78 -2.70 -10.03
C THR C 46 -20.34 -3.08 -10.32
N THR C 47 -20.03 -4.37 -10.21
CA THR C 47 -18.72 -4.88 -10.59
C THR C 47 -18.71 -5.13 -12.10
N LEU C 48 -17.92 -4.35 -12.82
CA LEU C 48 -17.82 -4.48 -14.27
C LEU C 48 -16.70 -5.44 -14.68
N ILE C 49 -15.51 -5.23 -14.15
CA ILE C 49 -14.34 -6.04 -14.47
C ILE C 49 -13.62 -6.38 -13.17
N TYR C 50 -13.28 -7.66 -12.99
CA TYR C 50 -12.49 -8.11 -11.86
C TYR C 50 -11.30 -8.90 -12.38
N GLU C 51 -10.24 -8.93 -11.58
CA GLU C 51 -9.00 -9.62 -11.93
C GLU C 51 -8.49 -9.16 -13.29
N ASN C 52 -8.34 -7.84 -13.42
CA ASN C 52 -7.80 -7.18 -14.62
C ASN C 52 -8.72 -7.28 -15.83
N ASP C 53 -9.22 -8.47 -16.15
CA ASP C 53 -9.92 -8.65 -17.42
C ASP C 53 -11.14 -9.56 -17.36
N GLN C 54 -11.47 -10.13 -16.22
CA GLN C 54 -12.65 -11.00 -16.14
C GLN C 54 -13.93 -10.18 -16.09
N ARG C 55 -14.98 -10.71 -16.70
CA ARG C 55 -16.25 -10.01 -16.81
C ARG C 55 -17.37 -10.89 -16.28
N PRO C 56 -18.20 -10.40 -15.36
CA PRO C 56 -19.39 -11.15 -14.96
C PRO C 56 -20.32 -11.40 -16.15
N SER C 57 -21.08 -12.49 -16.07
CA SER C 57 -21.91 -12.91 -17.19
C SER C 57 -22.99 -11.89 -17.51
N GLU C 58 -23.54 -11.22 -16.50
CA GLU C 58 -24.60 -10.24 -16.71
C GLU C 58 -24.07 -8.90 -17.19
N VAL C 59 -22.75 -8.73 -17.31
CA VAL C 59 -22.18 -7.48 -17.78
C VAL C 59 -22.05 -7.56 -19.29
N PRO C 60 -22.58 -6.59 -20.05
CA PRO C 60 -22.46 -6.64 -21.51
C PRO C 60 -21.01 -6.72 -21.95
N ASP C 61 -20.78 -7.46 -23.04
CA ASP C 61 -19.42 -7.67 -23.54
C ASP C 61 -18.78 -6.39 -24.07
N ARG C 62 -19.54 -5.29 -24.16
CA ARG C 62 -18.97 -4.01 -24.56
C ARG C 62 -17.95 -3.49 -23.56
N PHE C 63 -17.91 -4.06 -22.35
CA PHE C 63 -16.93 -3.70 -21.34
C PHE C 63 -15.77 -4.69 -21.37
N SER C 64 -14.54 -4.16 -21.35
CA SER C 64 -13.36 -5.00 -21.31
C SER C 64 -12.28 -4.27 -20.52
N GLY C 65 -11.40 -5.05 -19.89
CA GLY C 65 -10.30 -4.51 -19.12
C GLY C 65 -8.97 -4.99 -19.65
N SER C 66 -7.95 -4.16 -19.47
CA SER C 66 -6.61 -4.49 -19.94
C SER C 66 -5.58 -3.89 -19.00
N ILE C 67 -4.34 -4.35 -19.15
CA ILE C 67 -3.21 -3.92 -18.32
C ILE C 67 -2.06 -3.56 -19.24
N ASP C 68 -1.41 -2.43 -18.95
CA ASP C 68 -0.20 -2.01 -19.67
C ASP C 68 0.90 -1.80 -18.65
N SER C 69 1.86 -2.74 -18.62
CA SER C 69 2.96 -2.65 -17.66
C SER C 69 3.88 -1.47 -17.96
N SER C 70 4.01 -1.09 -19.23
CA SER C 70 4.93 -0.02 -19.59
C SER C 70 4.50 1.30 -18.97
N SER C 71 3.21 1.62 -19.07
CA SER C 71 2.67 2.84 -18.47
C SER C 71 2.27 2.65 -17.02
N ASN C 72 2.37 1.43 -16.49
CA ASN C 72 1.95 1.12 -15.13
C ASN C 72 0.49 1.52 -14.92
N SER C 73 -0.37 1.11 -15.84
CA SER C 73 -1.76 1.56 -15.85
C SER C 73 -2.68 0.40 -16.20
N ALA C 74 -3.94 0.55 -15.79
CA ALA C 74 -5.03 -0.34 -16.16
C ALA C 74 -6.09 0.48 -16.88
N SER C 75 -6.82 -0.17 -17.78
CA SER C 75 -7.76 0.54 -18.64
C SER C 75 -9.08 -0.20 -18.74
N LEU C 76 -10.18 0.55 -18.58
CA LEU C 76 -11.52 0.07 -18.87
C LEU C 76 -11.98 0.69 -20.19
N THR C 77 -12.39 -0.15 -21.13
CA THR C 77 -12.76 0.28 -22.47
C THR C 77 -14.22 -0.09 -22.73
N ILE C 78 -14.99 0.86 -23.23
CA ILE C 78 -16.41 0.67 -23.52
C ILE C 78 -16.61 0.85 -25.02
N SER C 79 -17.03 -0.22 -25.71
CA SER C 79 -17.30 -0.16 -27.13
C SER C 79 -18.77 0.11 -27.37
N GLY C 80 -19.05 1.00 -28.32
CA GLY C 80 -20.43 1.38 -28.61
C GLY C 80 -21.14 1.94 -27.41
N LEU C 81 -20.86 3.21 -27.09
CA LEU C 81 -21.42 3.82 -25.89
C LEU C 81 -22.94 3.89 -25.97
N LYS C 82 -23.58 3.69 -24.83
CA LYS C 82 -25.03 3.86 -24.69
C LYS C 82 -25.29 4.88 -23.59
N THR C 83 -26.48 5.50 -23.64
CA THR C 83 -26.82 6.52 -22.66
C THR C 83 -26.80 5.96 -21.24
N GLU C 84 -27.18 4.70 -21.07
CA GLU C 84 -27.17 4.06 -19.77
C GLU C 84 -25.77 3.90 -19.19
N ASP C 85 -24.73 4.04 -20.00
CA ASP C 85 -23.35 3.92 -19.52
C ASP C 85 -22.86 5.18 -18.82
N GLU C 86 -23.69 6.22 -18.75
CA GLU C 86 -23.34 7.44 -18.04
C GLU C 86 -23.35 7.18 -16.54
N ALA C 87 -22.19 7.19 -15.92
CA ALA C 87 -22.04 6.85 -14.50
C ALA C 87 -20.66 7.29 -14.03
N ASP C 88 -20.29 6.86 -12.82
CA ASP C 88 -18.97 7.08 -12.27
C ASP C 88 -18.24 5.75 -12.21
N TYR C 89 -16.98 5.75 -12.63
CA TYR C 89 -16.19 4.52 -12.74
C TYR C 89 -14.95 4.61 -11.87
N TYR C 90 -14.67 3.54 -11.13
CA TYR C 90 -13.54 3.50 -10.20
C TYR C 90 -12.70 2.26 -10.47
N CYS C 91 -11.38 2.42 -10.39
CA CYS C 91 -10.45 1.30 -10.37
C CYS C 91 -10.08 0.98 -8.94
N GLN C 92 -9.65 -0.25 -8.70
CA GLN C 92 -9.32 -0.68 -7.35
C GLN C 92 -8.31 -1.82 -7.39
N SER C 93 -7.26 -1.70 -6.56
CA SER C 93 -6.27 -2.74 -6.41
C SER C 93 -5.91 -2.91 -4.93
N TYR C 94 -4.68 -3.33 -4.65
CA TYR C 94 -4.28 -3.62 -3.28
C TYR C 94 -2.85 -3.14 -3.01
N ASP C 95 -2.55 -3.00 -1.73
CA ASP C 95 -1.25 -2.57 -1.24
C ASP C 95 -0.24 -3.71 -1.31
N GLY C 96 1.01 -3.37 -0.97
CA GLY C 96 1.94 -4.41 -0.56
C GLY C 96 1.56 -5.04 0.76
N ASN C 97 0.78 -4.33 1.58
CA ASN C 97 0.17 -4.87 2.78
C ASN C 97 -1.24 -5.38 2.52
N ASN C 98 -1.63 -5.53 1.26
CA ASN C 98 -2.91 -6.13 0.86
C ASN C 98 -4.11 -5.28 1.30
N HIS C 99 -3.92 -3.98 1.46
CA HIS C 99 -5.00 -3.07 1.81
C HIS C 99 -5.56 -2.39 0.57
N TRP C 100 -6.79 -1.89 0.70
CA TRP C 100 -7.53 -1.36 -0.43
C TRP C 100 -6.85 -0.13 -1.02
N VAL C 101 -6.91 -0.01 -2.34
CA VAL C 101 -6.47 1.19 -3.06
C VAL C 101 -7.52 1.51 -4.10
N PHE C 102 -8.07 2.72 -4.05
CA PHE C 102 -9.08 3.16 -5.00
C PHE C 102 -8.60 4.40 -5.74
N GLY C 103 -9.08 4.54 -6.98
CA GLY C 103 -8.85 5.77 -7.72
C GLY C 103 -9.90 6.81 -7.40
N GLY C 104 -9.61 8.05 -7.80
CA GLY C 104 -10.50 9.16 -7.51
C GLY C 104 -11.86 9.05 -8.18
N GLY C 105 -11.98 8.21 -9.20
CA GLY C 105 -13.24 8.04 -9.89
C GLY C 105 -13.41 8.98 -11.06
N THR C 106 -13.88 8.45 -12.18
CA THR C 106 -14.08 9.22 -13.40
C THR C 106 -15.56 9.32 -13.70
N LYS C 107 -16.04 10.55 -13.90
CA LYS C 107 -17.43 10.78 -14.29
C LYS C 107 -17.53 10.70 -15.80
N LEU C 108 -18.28 9.72 -16.29
CA LEU C 108 -18.50 9.53 -17.71
C LEU C 108 -19.85 10.12 -18.10
N THR C 109 -19.82 11.10 -19.01
CA THR C 109 -21.02 11.68 -19.57
C THR C 109 -21.17 11.21 -21.01
N VAL C 110 -22.34 10.63 -21.33
CA VAL C 110 -22.68 10.30 -22.70
C VAL C 110 -23.37 11.52 -23.29
N LEU C 111 -22.71 12.16 -24.26
CA LEU C 111 -23.16 13.45 -24.78
C LEU C 111 -24.55 13.34 -25.38
N SER C 112 -25.50 14.07 -24.81
CA SER C 112 -26.87 14.14 -25.31
C SER C 112 -27.22 15.52 -25.85
N GLN C 113 -26.24 16.40 -25.98
CA GLN C 113 -26.40 17.74 -26.51
C GLN C 113 -25.01 18.31 -26.78
N PRO C 114 -24.89 19.41 -27.53
CA PRO C 114 -23.56 19.97 -27.79
C PRO C 114 -22.83 20.36 -26.51
N LYS C 115 -21.53 20.12 -26.49
CA LYS C 115 -20.71 20.48 -25.34
C LYS C 115 -20.62 21.99 -25.23
N ALA C 116 -20.71 22.50 -24.00
CA ALA C 116 -20.70 23.93 -23.74
C ALA C 116 -19.62 24.25 -22.71
N ALA C 117 -18.67 25.10 -23.09
CA ALA C 117 -17.69 25.59 -22.12
C ALA C 117 -18.34 26.63 -21.22
N PRO C 118 -17.99 26.66 -19.94
CA PRO C 118 -18.73 27.50 -19.00
C PRO C 118 -18.48 28.99 -19.20
N SER C 119 -19.53 29.78 -18.94
CA SER C 119 -19.38 31.22 -18.80
C SER C 119 -18.99 31.52 -17.37
N VAL C 120 -17.90 32.28 -17.19
CA VAL C 120 -17.35 32.58 -15.88
C VAL C 120 -17.47 34.08 -15.64
N THR C 121 -18.25 34.44 -14.61
CA THR C 121 -18.44 35.83 -14.23
C THR C 121 -17.96 36.01 -12.80
N LEU C 122 -16.92 36.82 -12.63
CA LEU C 122 -16.34 37.10 -11.31
C LEU C 122 -16.92 38.41 -10.78
N PHE C 123 -17.31 38.39 -9.51
CA PHE C 123 -17.95 39.53 -8.87
C PHE C 123 -17.08 40.05 -7.73
N PRO C 124 -16.82 41.35 -7.67
CA PRO C 124 -16.10 41.91 -6.52
C PRO C 124 -17.03 42.06 -5.34
N PRO C 125 -16.50 42.31 -4.15
CA PRO C 125 -17.38 42.61 -3.00
C PRO C 125 -18.17 43.88 -3.27
N SER C 126 -19.45 43.85 -2.93
CA SER C 126 -20.29 45.03 -3.10
C SER C 126 -19.86 46.11 -2.11
N SER C 127 -20.19 47.36 -2.47
CA SER C 127 -19.96 48.46 -1.54
C SER C 127 -20.81 48.29 -0.29
N GLU C 128 -22.04 47.78 -0.44
CA GLU C 128 -22.90 47.51 0.69
C GLU C 128 -22.26 46.51 1.65
N GLU C 129 -21.57 45.51 1.10
CA GLU C 129 -20.94 44.49 1.93
C GLU C 129 -19.68 45.01 2.61
N LEU C 130 -18.86 45.78 1.89
CA LEU C 130 -17.68 46.39 2.49
C LEU C 130 -18.04 47.38 3.58
N GLN C 131 -19.26 47.92 3.55
CA GLN C 131 -19.73 48.80 4.62
C GLN C 131 -20.10 48.03 5.88
N ALA C 132 -20.39 46.73 5.76
CA ALA C 132 -20.64 45.87 6.92
C ALA C 132 -19.38 45.15 7.38
N ASN C 133 -18.21 45.60 6.94
CA ASN C 133 -16.93 44.99 7.29
C ASN C 133 -16.87 43.51 6.88
N LYS C 134 -17.41 43.22 5.70
CA LYS C 134 -17.34 41.89 5.12
C LYS C 134 -16.97 42.01 3.65
N ALA C 135 -16.32 40.98 3.12
CA ALA C 135 -15.88 40.98 1.73
C ALA C 135 -15.95 39.57 1.19
N THR C 136 -16.78 39.36 0.16
CA THR C 136 -16.93 38.05 -0.46
C THR C 136 -16.89 38.22 -1.97
N LEU C 137 -16.05 37.41 -2.63
CA LEU C 137 -16.03 37.30 -4.07
C LEU C 137 -16.89 36.12 -4.49
N VAL C 138 -17.51 36.22 -5.66
CA VAL C 138 -18.37 35.18 -6.19
C VAL C 138 -17.98 34.88 -7.63
N CYS C 139 -17.77 33.61 -7.93
CA CYS C 139 -17.45 33.12 -9.27
C CYS C 139 -18.67 32.38 -9.81
N LEU C 140 -19.46 33.06 -10.65
CA LEU C 140 -20.64 32.44 -11.21
C LEU C 140 -20.24 31.65 -12.46
N ILE C 141 -20.47 30.34 -12.40
CA ILE C 141 -20.12 29.42 -13.49
C ILE C 141 -21.43 28.88 -14.05
N SER C 142 -21.76 29.27 -15.28
CA SER C 142 -23.09 28.98 -15.82
C SER C 142 -22.99 28.46 -17.24
N ASP C 143 -24.02 27.70 -17.64
CA ASP C 143 -24.23 27.25 -19.01
C ASP C 143 -23.09 26.39 -19.53
N PHE C 144 -22.80 25.28 -18.87
CA PHE C 144 -21.76 24.37 -19.31
C PHE C 144 -22.27 22.94 -19.31
N TYR C 145 -21.83 22.17 -20.32
CA TYR C 145 -22.16 20.77 -20.48
C TYR C 145 -20.91 20.10 -21.06
N PRO C 146 -20.45 18.98 -20.49
CA PRO C 146 -20.99 18.24 -19.33
C PRO C 146 -20.86 18.99 -18.02
N GLY C 147 -21.54 18.53 -16.97
CA GLY C 147 -21.52 19.21 -15.70
C GLY C 147 -20.44 18.71 -14.76
N ALA C 148 -19.17 18.86 -15.15
CA ALA C 148 -18.03 18.47 -14.34
C ALA C 148 -17.00 19.58 -14.40
N VAL C 149 -16.71 20.19 -13.25
CA VAL C 149 -15.88 21.38 -13.19
C VAL C 149 -15.09 21.37 -11.88
N THR C 150 -13.83 21.79 -11.95
CA THR C 150 -13.00 22.02 -10.78
C THR C 150 -12.58 23.49 -10.74
N VAL C 151 -12.53 24.05 -9.54
CA VAL C 151 -12.29 25.48 -9.36
C VAL C 151 -11.02 25.68 -8.54
N ALA C 152 -10.31 26.76 -8.84
CA ALA C 152 -9.11 27.14 -8.12
C ALA C 152 -8.99 28.65 -8.09
N TRP C 153 -8.57 29.20 -6.96
CA TRP C 153 -8.46 30.64 -6.76
C TRP C 153 -7.00 31.05 -6.62
N LYS C 154 -6.74 32.33 -6.87
CA LYS C 154 -5.41 32.90 -6.76
C LYS C 154 -5.50 34.31 -6.19
N ALA C 155 -4.71 34.57 -5.15
CA ALA C 155 -4.52 35.92 -4.63
C ALA C 155 -3.23 36.48 -5.22
N ASP C 156 -3.34 37.59 -5.95
CA ASP C 156 -2.24 38.13 -6.74
C ASP C 156 -1.74 37.08 -7.72
N SER C 157 -0.81 36.22 -7.27
CA SER C 157 -0.35 35.10 -8.07
C SER C 157 -0.25 33.79 -7.31
N SER C 158 -0.31 33.82 -5.98
CA SER C 158 -0.27 32.62 -5.16
C SER C 158 -1.67 32.04 -4.99
N PRO C 159 -1.79 30.71 -4.93
CA PRO C 159 -3.11 30.11 -4.75
C PRO C 159 -3.62 30.29 -3.33
N VAL C 160 -4.95 30.35 -3.21
CA VAL C 160 -5.60 30.55 -1.93
C VAL C 160 -6.51 29.36 -1.66
N LYS C 161 -6.31 28.71 -0.50
CA LYS C 161 -7.10 27.57 -0.09
C LYS C 161 -8.12 27.90 0.99
N ALA C 162 -7.83 28.89 1.84
CA ALA C 162 -8.69 29.20 2.97
C ALA C 162 -9.88 30.04 2.51
N GLY C 163 -11.07 29.69 2.99
CA GLY C 163 -12.27 30.46 2.72
C GLY C 163 -12.94 30.17 1.40
N VAL C 164 -12.59 29.09 0.72
CA VAL C 164 -13.15 28.75 -0.58
C VAL C 164 -14.26 27.72 -0.37
N GLU C 165 -15.40 27.95 -1.02
CA GLU C 165 -16.49 26.99 -1.04
C GLU C 165 -17.06 26.94 -2.45
N THR C 166 -17.24 25.74 -2.97
CA THR C 166 -17.76 25.53 -4.32
C THR C 166 -18.98 24.62 -4.25
N THR C 167 -20.08 25.05 -4.85
CA THR C 167 -21.30 24.26 -4.86
C THR C 167 -21.17 23.10 -5.85
N THR C 168 -22.06 22.12 -5.69
CA THR C 168 -22.13 21.02 -6.63
C THR C 168 -22.88 21.46 -7.88
N PRO C 169 -22.37 21.19 -9.08
CA PRO C 169 -23.06 21.65 -10.30
C PRO C 169 -24.47 21.08 -10.39
N SER C 170 -25.43 21.97 -10.61
CA SER C 170 -26.83 21.60 -10.75
C SER C 170 -27.35 22.07 -12.09
N LYS C 171 -28.34 21.35 -12.62
CA LYS C 171 -28.89 21.65 -13.93
C LYS C 171 -29.84 22.84 -13.87
N GLN C 172 -29.88 23.60 -14.96
CA GLN C 172 -30.80 24.71 -15.11
C GLN C 172 -31.97 24.28 -15.98
N SER C 173 -32.88 25.23 -16.25
CA SER C 173 -34.05 24.92 -17.05
C SER C 173 -33.72 24.72 -18.53
N ASN C 174 -32.50 25.06 -18.97
CA ASN C 174 -32.08 24.85 -20.35
C ASN C 174 -31.16 23.65 -20.51
N ASN C 175 -31.24 22.69 -19.59
CA ASN C 175 -30.50 21.42 -19.61
C ASN C 175 -28.99 21.61 -19.48
N LYS C 176 -28.52 22.83 -19.24
CA LYS C 176 -27.12 23.06 -18.94
C LYS C 176 -26.92 23.15 -17.43
N TYR C 177 -25.65 23.20 -17.02
CA TYR C 177 -25.29 23.18 -15.61
C TYR C 177 -24.87 24.57 -15.14
N ALA C 178 -25.04 24.80 -13.85
CA ALA C 178 -24.64 26.05 -13.22
C ALA C 178 -24.07 25.74 -11.84
N ALA C 179 -23.14 26.59 -11.41
CA ALA C 179 -22.53 26.47 -10.08
C ALA C 179 -21.86 27.79 -9.74
N SER C 180 -21.54 27.95 -8.47
CA SER C 180 -20.86 29.16 -8.01
C SER C 180 -19.82 28.80 -6.97
N SER C 181 -18.68 29.48 -7.04
CA SER C 181 -17.63 29.42 -6.02
C SER C 181 -17.52 30.79 -5.39
N TYR C 182 -17.26 30.82 -4.08
CA TYR C 182 -17.12 32.09 -3.39
C TYR C 182 -15.94 32.02 -2.41
N LEU C 183 -15.29 33.17 -2.23
CA LEU C 183 -14.11 33.31 -1.39
C LEU C 183 -14.41 34.34 -0.30
N SER C 184 -14.52 33.86 0.94
CA SER C 184 -14.77 34.73 2.08
C SER C 184 -13.44 35.23 2.62
N LEU C 185 -13.30 36.55 2.71
CA LEU C 185 -12.08 37.16 3.22
C LEU C 185 -12.42 38.48 3.90
N THR C 186 -11.47 38.99 4.66
CA THR C 186 -11.66 40.26 5.33
C THR C 186 -11.39 41.42 4.36
N PRO C 187 -12.01 42.58 4.58
CA PRO C 187 -11.72 43.75 3.73
C PRO C 187 -10.25 44.14 3.74
N GLU C 188 -9.50 43.79 4.78
CA GLU C 188 -8.07 44.11 4.80
C GLU C 188 -7.30 43.24 3.82
N GLN C 189 -7.64 41.96 3.72
CA GLN C 189 -7.02 41.09 2.72
C GLN C 189 -7.41 41.53 1.32
N TRP C 190 -8.65 41.99 1.15
CA TRP C 190 -9.15 42.36 -0.17
C TRP C 190 -8.38 43.52 -0.75
N LYS C 191 -8.11 44.55 0.06
CA LYS C 191 -7.41 45.73 -0.44
C LYS C 191 -5.89 45.55 -0.45
N SER C 192 -5.36 44.58 0.29
CA SER C 192 -3.93 44.33 0.33
C SER C 192 -3.46 43.36 -0.75
N HIS C 193 -4.13 43.36 -1.90
CA HIS C 193 -3.74 42.51 -3.02
C HIS C 193 -4.06 43.23 -4.31
N LYS C 194 -3.17 43.10 -5.29
CA LYS C 194 -3.37 43.79 -6.56
C LYS C 194 -4.53 43.21 -7.35
N SER C 195 -4.78 41.91 -7.21
CA SER C 195 -5.85 41.27 -7.98
C SER C 195 -6.20 39.94 -7.32
N TYR C 196 -7.38 39.44 -7.67
CA TYR C 196 -7.87 38.12 -7.27
C TYR C 196 -8.37 37.38 -8.49
N SER C 197 -8.09 36.07 -8.54
CA SER C 197 -8.39 35.28 -9.73
C SER C 197 -9.25 34.07 -9.37
N CYS C 198 -10.15 33.72 -10.28
CA CYS C 198 -10.93 32.50 -10.21
C CYS C 198 -10.72 31.72 -11.51
N GLN C 199 -10.38 30.44 -11.39
CA GLN C 199 -9.99 29.63 -12.53
C GLN C 199 -10.88 28.38 -12.58
N VAL C 200 -11.61 28.22 -13.68
CA VAL C 200 -12.54 27.12 -13.88
C VAL C 200 -11.99 26.20 -14.95
N THR C 201 -11.87 24.92 -14.63
CA THR C 201 -11.33 23.90 -15.55
C THR C 201 -12.45 22.97 -15.96
N HIS C 202 -12.76 22.97 -17.26
CA HIS C 202 -13.86 22.17 -17.82
C HIS C 202 -13.31 21.35 -18.98
N GLU C 203 -12.79 20.16 -18.68
CA GLU C 203 -12.33 19.19 -19.67
C GLU C 203 -11.16 19.76 -20.50
N GLY C 204 -10.01 19.86 -19.83
CA GLY C 204 -8.81 20.33 -20.50
C GLY C 204 -8.81 21.82 -20.76
N SER C 205 -9.93 22.34 -21.26
CA SER C 205 -10.11 23.78 -21.37
C SER C 205 -10.20 24.40 -19.99
N THR C 206 -9.77 25.65 -19.89
CA THR C 206 -9.85 26.36 -18.62
C THR C 206 -10.07 27.85 -18.87
N VAL C 207 -11.00 28.43 -18.11
CA VAL C 207 -11.30 29.85 -18.17
C VAL C 207 -10.96 30.46 -16.81
N GLU C 208 -10.39 31.65 -16.83
CA GLU C 208 -9.95 32.30 -15.59
C GLU C 208 -10.15 33.80 -15.71
N LYS C 209 -11.04 34.35 -14.89
CA LYS C 209 -11.27 35.78 -14.81
C LYS C 209 -10.50 36.37 -13.63
N THR C 210 -10.37 37.70 -13.65
CA THR C 210 -9.61 38.41 -12.63
C THR C 210 -10.31 39.71 -12.30
N VAL C 211 -10.30 40.08 -11.01
CA VAL C 211 -10.84 41.35 -10.55
C VAL C 211 -9.83 41.99 -9.62
N ALA C 212 -9.92 43.31 -9.49
CA ALA C 212 -9.02 44.09 -8.66
C ALA C 212 -9.83 45.11 -7.87
N PRO C 213 -9.36 45.50 -6.69
CA PRO C 213 -10.06 46.55 -5.93
C PRO C 213 -9.94 47.89 -6.62
N THR C 214 -11.09 48.57 -6.76
CA THR C 214 -11.13 49.89 -7.37
C THR C 214 -12.12 50.75 -6.60
N GLU C 215 -11.94 52.06 -6.70
CA GLU C 215 -12.81 53.04 -6.05
C GLU C 215 -13.59 53.79 -7.13
N CYS C 216 -14.91 53.65 -7.10
CA CYS C 216 -15.76 54.32 -8.07
C CYS C 216 -15.92 55.79 -7.74
#